data_5H32
#
_entry.id   5H32
#
loop_
_entity.id
_entity.type
_entity.pdbx_description
1 polymer 'structural protein E'
2 polymer 'C10 IgG heavy chain variable region'
3 polymer 'C10 IgG light chain variable region'
#
loop_
_entity_poly.entity_id
_entity_poly.type
_entity_poly.pdbx_seq_one_letter_code
_entity_poly.pdbx_strand_id
1 'polypeptide(L)'
;IRCIGVSNRDFVEGMSGGTWVDVVLEHGGCVTVMAQDKPTVDIELVTTTVSNMAEVRSYCYEASISDMASDSRCPTQGEA
YLDKQSDTQYVCKRTLVDRGWGNGCGLFGKGSLVTCAKFACSKKMTGKSIQPENLEYRIMLSVHGSQHSGMIVNDTGHET
DENRAKVEITPNSPRAEATLGGFGSLGLDCEPRTGLDFSDLYYLTMNNKHWLVHKEWFHDIPLPWHAGADTGTPHWNNKE
ALVEFKDAHAKRQTVVVLGSQEGAVHTALAGALEAEMDGAKGRLSSGHLKCRLKMDKLRLKGVSYSLCTAAFTFTKIPAE
TLHGTVTVEVQYAGTDGPCKVPAQMAVDMQTLTPVGRLITANPVITESTENSKMMLELDPPFGDSYIVIGVGEKKITHHW
HRS
;
A,C,B
2 'polypeptide(L)'
;EVQLVESGAEVKKPGASVKVSCKASGYTFTSYAMHWVRQAPGQRLEWMGWINAGNGNTKYSQKFQDRVTITRDTSASTAY
MELSSLRSEDTAIYYCARDKVDDYGDYWFPTLWYFDYWGQGTLVTVS
;
G,K,I
3 'polypeptide(L)'
;SALTQPASVSGSPGQSITISCTGTSSDVGGFNYVSWFQQHPGKAPKLMLYDVTSRPSGVSSRFSGSKSGNTASLTISGLQ
AEDEADYYCSSHTSRGTWVFGGGTKLTVL
;
H,L,M
#
# COMPACT_ATOMS: atom_id res chain seq x y z
CA ILE A 1 -21.39 29.63 -44.08
CA ARG A 2 -19.42 27.89 -41.35
CA CYS A 3 -22.59 25.93 -40.80
CA ILE A 4 -24.00 24.07 -43.79
CA GLY A 5 -24.98 20.42 -43.79
CA VAL A 6 -23.66 20.42 -40.24
CA SER A 7 -26.71 18.71 -38.96
CA ASN A 8 -27.76 19.89 -35.54
CA ARG A 9 -27.80 23.50 -36.81
CA ASP A 10 -30.93 25.35 -35.76
CA PHE A 11 -31.80 28.58 -37.45
CA VAL A 12 -33.90 31.07 -35.56
CA GLU A 13 -36.13 33.15 -37.81
CA GLY A 14 -36.53 36.67 -36.51
CA MET A 15 -36.33 37.94 -32.97
CA SER A 16 -39.24 40.38 -33.09
CA GLY A 17 -39.33 41.81 -29.60
CA GLY A 18 -37.00 44.78 -30.00
CA THR A 19 -33.76 43.23 -31.29
CA TRP A 20 -33.35 40.76 -28.45
CA VAL A 21 -32.89 37.04 -29.11
CA ASP A 22 -31.62 34.42 -26.69
CA VAL A 23 -30.12 31.19 -27.97
CA VAL A 24 -28.44 28.07 -26.59
CA LEU A 25 -25.15 27.07 -28.20
CA GLU A 26 -24.03 23.45 -27.94
CA HIS A 27 -20.96 22.10 -29.65
CA GLY A 28 -22.86 19.36 -31.43
CA GLY A 29 -24.38 21.88 -33.81
CA CYS A 30 -24.77 25.47 -34.93
CA VAL A 31 -27.26 28.28 -34.78
CA THR A 32 -27.83 30.54 -37.78
CA VAL A 33 -29.76 33.66 -36.87
CA MET A 34 -31.89 35.49 -39.41
CA ALA A 35 -33.84 38.68 -38.72
CA GLN A 36 -36.39 40.66 -40.68
CA ASP A 37 -33.45 42.75 -41.83
CA LYS A 38 -29.72 42.65 -41.02
CA PRO A 39 -27.27 40.08 -42.37
CA THR A 40 -27.89 36.47 -41.53
CA VAL A 41 -25.31 35.66 -38.87
CA ASP A 42 -24.19 32.08 -38.45
CA ILE A 43 -23.00 31.36 -34.90
CA GLU A 44 -21.06 28.16 -34.26
CA LEU A 45 -19.55 27.34 -30.87
CA VAL A 46 -16.27 25.57 -30.79
CA THR A 47 -14.10 24.19 -28.05
CA THR A 48 -14.19 25.69 -24.57
CA THR A 49 -11.45 25.68 -22.07
CA VAL A 50 -10.44 24.70 -18.71
CA SER A 51 -8.07 27.06 -17.12
CA ASN A 52 -6.61 26.63 -13.64
CA MET A 53 -6.84 23.06 -12.40
CA ALA A 54 -6.09 21.79 -8.91
CA GLU A 55 -5.31 18.20 -7.98
CA VAL A 56 -7.80 16.08 -6.06
CA ARG A 57 -6.56 12.71 -4.82
CA SER A 58 -5.15 10.22 -7.33
CA TYR A 59 -5.68 6.52 -7.83
CA CYS A 60 -3.18 3.74 -8.44
CA TYR A 61 -3.65 1.23 -11.24
CA GLU A 62 -0.74 -1.07 -10.68
CA ALA A 63 0.83 -2.46 -7.54
CA SER A 64 4.37 -3.66 -7.14
CA ILE A 65 4.72 -5.95 -4.14
CA SER A 66 8.15 -6.74 -2.73
CA ASP A 67 9.44 -7.88 0.64
CA MET A 68 6.55 -9.52 2.45
CA ALA A 69 8.59 -10.56 5.45
CA SER A 70 6.47 -12.38 7.96
CA ASP A 71 6.26 -12.67 11.75
CA SER A 72 4.60 -15.40 13.77
CA ARG A 73 4.16 -16.03 17.49
CA CYS A 74 2.77 -19.21 19.09
CA PRO A 75 -0.66 -19.60 20.67
CA THR A 76 -0.21 -17.28 23.66
CA GLN A 77 2.58 -14.83 23.49
CA GLY A 78 0.05 -12.40 22.13
CA GLU A 79 -0.73 -11.51 18.58
CA ALA A 80 2.09 -10.72 16.23
CA TYR A 81 4.05 -7.77 15.15
CA LEU A 82 7.17 -6.65 13.34
CA ASP A 83 9.05 -3.44 12.71
CA LYS A 84 7.64 -2.91 9.26
CA GLN A 85 4.17 -1.77 10.26
CA SER A 86 5.34 1.59 11.59
CA ASP A 87 6.55 2.29 8.05
CA THR A 88 2.99 3.12 6.86
CA GLN A 89 4.22 2.47 3.34
CA TYR A 90 3.60 -1.23 3.90
CA VAL A 91 0.34 -3.12 4.29
CA CYS A 92 -0.16 -5.87 6.85
CA LYS A 93 -3.08 -8.04 7.84
CA ARG A 94 -2.72 -10.04 11.06
CA THR A 95 -4.73 -13.19 10.56
CA LEU A 96 -4.81 -15.83 13.22
CA VAL A 97 -4.05 -19.03 11.39
CA ASP A 98 -1.33 -21.56 12.15
CA ARG A 99 -0.73 -24.64 14.27
CA GLY A 100 1.10 -25.95 17.32
CA TRP A 101 4.13 -28.24 17.68
CA GLY A 102 5.13 -27.63 14.08
CA ASN A 103 6.54 -24.18 14.60
CA GLY A 104 6.90 -24.50 18.33
CA CYS A 105 4.91 -23.72 21.42
CA GLY A 106 3.89 -27.02 22.95
CA LEU A 107 0.38 -25.57 22.65
CA PHE A 108 -1.77 -27.12 19.94
CA GLY A 109 -3.50 -24.05 18.48
CA LYS A 110 -4.27 -20.79 16.65
CA GLY A 111 -1.47 -18.48 15.50
CA SER A 112 0.29 -15.16 15.24
CA LEU A 113 0.66 -13.78 11.75
CA VAL A 114 1.60 -10.49 10.20
CA THR A 115 2.53 -10.30 6.52
CA CYS A 116 3.80 -6.98 5.27
CA ALA A 117 4.15 -6.06 1.61
CA LYS A 118 5.90 -3.08 0.06
CA PHE A 119 3.39 -1.12 -2.01
CA ALA A 120 4.60 1.14 -4.81
CA CYS A 121 2.49 2.33 -7.71
CA SER A 122 3.18 2.88 -11.39
CA LYS A 123 0.32 4.34 -13.41
CA LYS A 124 -2.07 6.64 -11.61
CA MET A 125 -5.03 8.94 -12.19
CA THR A 126 -4.58 12.57 -11.28
CA GLY A 127 -8.25 13.42 -10.91
CA LYS A 128 -8.02 17.21 -11.20
CA SER A 129 -10.82 19.55 -10.12
CA ILE A 130 -12.73 22.15 -12.15
CA GLN A 131 -14.18 25.35 -10.79
CA PRO A 132 -16.42 27.46 -13.00
CA GLU A 133 -14.30 30.56 -12.94
CA ASN A 134 -11.70 31.13 -15.63
CA LEU A 135 -13.11 28.73 -18.29
CA GLU A 136 -13.92 30.55 -21.52
CA TYR A 137 -16.10 29.16 -24.21
CA ARG A 138 -14.46 30.10 -27.47
CA ILE A 139 -17.16 31.01 -29.99
CA MET A 140 -16.95 31.68 -33.73
CA LEU A 141 -19.11 34.12 -35.69
CA SER A 142 -19.86 33.71 -39.38
CA VAL A 143 -21.88 35.95 -41.51
CA HIS A 144 -23.41 34.98 -44.77
CA GLY A 145 -23.63 37.22 -47.62
CA SER A 146 -20.76 37.32 -50.00
CA GLN A 147 -18.58 34.23 -49.75
CA HIS A 148 -16.92 31.31 -51.46
CA SER A 149 -16.24 28.79 -48.80
CA GLY A 150 -12.52 29.60 -48.64
CA MET A 151 -11.53 31.45 -51.71
CA ILE A 152 -11.59 34.66 -49.76
CA VAL A 153 -9.24 32.83 -47.41
CA ASN A 154 -7.62 34.58 -44.57
CA ASP A 155 -10.24 33.42 -42.12
CA THR A 156 -11.54 35.81 -39.46
CA GLY A 157 -9.14 34.96 -36.64
CA HIS A 158 -7.14 38.17 -36.41
CA GLU A 159 -9.59 40.02 -38.67
CA THR A 160 -8.84 40.36 -42.39
CA ASP A 161 -11.61 38.21 -43.83
CA GLU A 162 -13.93 40.43 -41.77
CA ASN A 163 -16.58 38.00 -42.97
CA ARG A 164 -16.28 36.26 -39.60
CA ALA A 165 -15.12 36.99 -36.04
CA LYS A 166 -13.81 34.99 -33.10
CA VAL A 167 -15.10 35.76 -29.62
CA GLU A 168 -13.86 34.30 -26.37
CA ILE A 169 -16.25 34.89 -23.54
CA THR A 170 -15.30 34.23 -19.94
CA PRO A 171 -17.26 34.74 -16.73
CA ASN A 172 -14.67 37.35 -15.84
CA SER A 173 -15.55 39.27 -19.02
CA PRO A 174 -18.83 38.33 -20.69
CA ARG A 175 -20.50 40.60 -23.21
CA ALA A 176 -18.13 39.73 -26.05
CA GLU A 177 -18.39 42.75 -28.35
CA ALA A 178 -17.65 41.37 -31.82
CA THR A 179 -16.76 43.70 -34.67
CA LEU A 180 -17.78 42.54 -38.14
CA GLY A 181 -16.31 45.06 -40.54
CA GLY A 182 -18.96 46.84 -42.55
CA PHE A 183 -21.86 44.71 -41.31
CA GLY A 184 -22.12 45.89 -37.73
CA SER A 185 -20.74 45.16 -34.30
CA LEU A 186 -22.66 42.16 -33.02
CA GLY A 187 -22.51 42.19 -29.25
CA LEU A 188 -23.71 39.18 -27.34
CA ASP A 189 -24.04 38.56 -23.62
CA CYS A 190 -23.53 34.99 -22.47
CA GLU A 191 -23.53 33.39 -19.06
CA PRO A 192 -20.50 31.10 -18.78
CA ARG A 193 -21.26 30.48 -15.13
CA THR A 194 -24.50 28.60 -14.91
CA GLY A 195 -24.78 26.39 -17.98
CA LEU A 196 -23.03 23.09 -17.31
CA ASP A 197 -22.95 22.93 -13.50
CA PHE A 198 -19.23 22.57 -13.19
CA SER A 199 -17.65 22.09 -9.76
CA ASP A 200 -19.60 18.86 -10.00
CA LEU A 201 -17.19 17.65 -12.68
CA TYR A 202 -13.63 16.57 -11.99
CA TYR A 203 -11.26 16.63 -14.92
CA LEU A 204 -9.80 13.15 -15.02
CA THR A 205 -6.53 11.83 -16.44
CA MET A 206 -5.40 8.28 -17.18
CA ASN A 207 -2.45 7.97 -19.54
CA ASN A 208 -3.39 10.32 -22.35
CA LYS A 209 -7.15 10.13 -22.86
CA HIS A 210 -8.78 12.43 -20.30
CA TRP A 211 -12.38 12.42 -19.09
CA LEU A 212 -14.90 14.39 -17.08
CA VAL A 213 -16.79 12.73 -14.23
CA HIS A 214 -18.93 13.61 -11.23
CA LYS A 215 -17.39 14.14 -7.86
CA GLU A 216 -20.19 11.83 -6.73
CA TRP A 217 -18.70 9.17 -8.98
CA PHE A 218 -15.10 10.16 -8.50
CA HIS A 219 -15.08 9.93 -4.73
CA ASP A 220 -16.69 6.51 -4.81
CA ILE A 221 -13.86 4.60 -6.50
CA PRO A 222 -12.39 2.19 -4.20
CA LEU A 223 -8.73 2.37 -5.20
CA PRO A 224 -5.93 3.70 -3.19
CA TRP A 225 -6.53 7.46 -2.92
CA HIS A 226 -3.58 9.76 -2.49
CA ALA A 227 -4.65 13.27 -1.47
CA GLY A 228 -3.67 15.98 -3.94
CA ALA A 229 -0.84 17.90 -2.27
CA ASP A 230 2.59 16.60 -3.29
CA THR A 231 4.93 13.62 -3.85
CA GLY A 232 8.45 13.26 -2.57
CA THR A 233 7.12 10.21 -0.77
CA PRO A 234 3.58 9.46 -1.95
CA HIS A 235 1.59 8.10 1.00
CA TRP A 236 -1.05 5.71 -0.21
CA ASN A 237 -4.20 5.60 1.83
CA ASN A 238 -5.92 2.25 1.69
CA LYS A 239 -3.58 -0.05 -0.26
CA GLU A 240 -5.90 -2.65 1.17
CA ALA A 241 -8.28 -2.50 -1.75
CA LEU A 242 -5.72 -3.24 -4.44
CA VAL A 243 -3.74 -6.03 -2.70
CA GLU A 244 -5.35 -9.15 -1.32
CA PHE A 245 -3.88 -11.41 1.34
CA LYS A 246 -4.79 -14.98 0.51
CA ASP A 247 -4.05 -17.34 3.35
CA ALA A 248 -3.88 -21.01 2.60
CA HIS A 249 -6.64 -23.16 4.03
CA ALA A 250 -5.01 -23.05 7.44
CA LYS A 251 -1.28 -22.53 7.38
CA ARG A 252 0.85 -19.58 6.26
CA GLN A 253 -0.41 -17.01 3.81
CA THR A 254 0.22 -15.13 0.58
CA VAL A 255 0.34 -11.56 -0.65
CA VAL A 256 -1.16 -11.21 -4.12
CA VAL A 257 -1.59 -8.10 -6.21
CA LEU A 258 -4.83 -7.53 -8.02
CA GLY A 259 -2.79 -6.58 -11.07
CA SER A 260 -3.45 -3.59 -13.27
CA GLN A 261 -7.04 -2.54 -12.81
CA GLU A 262 -6.64 -0.11 -15.68
CA GLY A 263 -9.21 -1.33 -18.17
CA ALA A 264 -11.87 -1.99 -15.55
CA VAL A 265 -11.64 1.71 -14.80
CA HIS A 266 -12.31 2.34 -18.46
CA THR A 267 -15.46 0.23 -18.17
CA ALA A 268 -16.60 2.12 -15.09
CA LEU A 269 -16.35 5.36 -17.09
CA ALA A 270 -19.29 4.53 -19.34
CA GLY A 271 -20.88 7.81 -20.33
CA ALA A 272 -18.17 10.30 -19.40
CA LEU A 273 -17.32 13.12 -21.84
CA GLU A 274 -14.38 12.26 -24.08
CA ALA A 275 -12.06 15.20 -23.47
CA GLU A 276 -8.74 16.51 -24.71
CA MET A 277 -5.90 18.49 -23.21
CA ASP A 278 -3.06 20.61 -24.50
CA GLY A 279 -0.78 21.18 -21.48
CA ALA A 280 -2.74 23.59 -19.30
CA LYS A 281 -6.25 24.10 -20.66
CA GLY A 282 -7.43 20.72 -21.88
CA ARG A 283 -9.76 21.38 -24.85
CA LEU A 284 -13.23 20.48 -23.68
CA SER A 285 -15.63 19.18 -26.25
CA SER A 286 -19.39 18.80 -25.75
CA GLY A 287 -20.59 21.57 -23.46
CA HIS A 288 -23.48 23.94 -24.16
CA LEU A 289 -23.94 27.71 -23.69
CA LYS A 290 -26.77 30.17 -23.08
CA CYS A 291 -26.57 33.59 -24.64
CA ARG A 292 -28.81 36.58 -25.33
CA LEU A 293 -27.78 37.64 -28.82
CA LYS A 294 -28.11 41.40 -29.20
CA MET A 295 -28.79 42.37 -32.78
CA ASP A 296 -29.08 46.08 -32.01
CA LYS A 297 -26.04 47.21 -33.98
CA LEU A 298 -26.04 45.72 -37.47
CA ARG A 299 -26.40 46.92 -41.04
CA LEU A 300 -27.29 45.03 -44.18
CA LYS A 301 -24.20 46.62 -45.79
CA GLY A 302 -24.85 46.57 -49.53
CA VAL A 303 -28.48 47.66 -49.16
CA SER A 304 -27.58 50.46 -51.49
CA TYR A 305 -25.85 49.31 -54.67
CA SER A 306 -26.69 48.42 -58.25
CA LEU A 307 -27.95 45.02 -59.44
CA CYS A 308 -24.63 44.22 -61.22
CA THR A 309 -25.27 43.43 -64.82
CA ALA A 310 -25.07 40.14 -66.56
CA ALA A 311 -23.60 36.96 -65.26
CA PHE A 312 -25.65 34.31 -63.51
CA THR A 313 -23.27 31.65 -64.72
CA PHE A 314 -23.49 29.44 -61.62
CA THR A 315 -20.78 26.91 -60.81
CA LYS A 316 -22.58 23.91 -59.33
CA ILE A 317 -25.91 22.33 -59.36
CA PRO A 318 -26.86 23.83 -56.02
CA ALA A 319 -27.06 20.66 -53.83
CA GLU A 320 -30.11 19.78 -51.81
CA THR A 321 -28.65 20.03 -48.38
CA LEU A 322 -30.12 18.57 -45.19
CA HIS A 323 -33.08 20.38 -43.61
CA GLY A 324 -34.15 23.38 -45.65
CA THR A 325 -32.34 25.38 -48.29
CA VAL A 326 -30.41 24.47 -51.40
CA THR A 327 -27.34 26.60 -51.22
CA VAL A 328 -26.45 28.51 -54.33
CA GLU A 329 -23.14 29.93 -55.44
CA VAL A 330 -22.83 31.94 -58.70
CA GLN A 331 -20.38 34.15 -60.64
CA TYR A 332 -22.02 37.20 -62.37
CA ALA A 333 -19.49 37.71 -65.11
CA GLY A 334 -18.27 41.15 -66.09
CA THR A 335 -19.51 43.07 -63.06
CA ASP A 336 -17.87 46.45 -62.42
CA GLY A 337 -17.99 46.87 -58.63
CA PRO A 338 -19.60 46.14 -55.29
CA CYS A 339 -23.00 45.44 -56.76
CA LYS A 340 -25.97 43.53 -55.36
CA VAL A 341 -26.74 39.91 -56.17
CA PRO A 342 -30.74 39.47 -57.31
CA ALA A 343 -32.13 36.13 -56.24
CA GLN A 344 -35.67 34.91 -56.02
CA MET A 345 -37.77 31.82 -55.51
CA ALA A 346 -40.27 31.51 -58.31
CA VAL A 347 -43.43 29.42 -57.91
CA ASP A 348 -43.84 29.92 -61.59
CA MET A 349 -42.08 32.08 -64.17
CA GLN A 350 -44.24 33.51 -65.35
CA THR A 351 -43.99 37.16 -64.32
CA LEU A 352 -41.75 36.53 -61.32
CA THR A 353 -43.35 35.78 -57.95
CA PRO A 354 -41.08 34.39 -55.29
CA VAL A 355 -42.46 33.71 -51.89
CA GLY A 356 -39.22 31.98 -51.05
CA ARG A 357 -38.00 33.66 -47.91
CA LEU A 358 -34.33 33.10 -48.71
CA ILE A 359 -32.16 33.02 -45.62
CA THR A 360 -29.26 35.01 -47.12
CA ALA A 361 -30.32 38.62 -47.24
CA ASN A 362 -28.89 41.27 -49.56
CA PRO A 363 -26.09 39.20 -51.17
CA VAL A 364 -23.11 41.23 -52.35
CA ILE A 365 -20.18 40.42 -54.59
CA THR A 366 -17.21 42.64 -54.24
CA GLU A 367 -14.47 44.31 -56.36
CA SER A 368 -14.23 44.24 -60.16
CA THR A 369 -12.35 41.57 -62.11
CA GLU A 370 -14.32 38.45 -63.01
CA ASN A 371 -13.25 36.00 -60.30
CA SER A 372 -16.33 37.35 -58.50
CA LYS A 373 -17.22 34.10 -56.66
CA MET A 374 -20.02 34.24 -54.06
CA MET A 375 -22.28 31.75 -52.26
CA LEU A 376 -25.91 32.01 -51.17
CA GLU A 377 -28.69 29.93 -49.65
CA LEU A 378 -32.35 29.83 -50.58
CA ASP A 379 -35.20 28.11 -48.76
CA PRO A 380 -37.67 27.16 -51.49
CA PRO A 381 -41.15 25.76 -50.99
CA PHE A 382 -41.62 22.03 -50.66
CA GLY A 383 -43.34 21.75 -54.03
CA ASP A 384 -41.67 22.15 -57.38
CA SER A 385 -40.05 25.54 -57.99
CA TYR A 386 -37.71 27.54 -60.22
CA ILE A 387 -34.67 29.29 -58.74
CA VAL A 388 -34.03 32.44 -60.77
CA ILE A 389 -32.14 35.70 -60.54
CA GLY A 390 -34.05 37.57 -63.28
CA VAL A 391 -31.41 39.91 -64.73
CA GLY A 392 -30.25 40.75 -68.23
CA GLU A 393 -31.34 38.91 -71.34
CA LYS A 394 -32.70 35.41 -70.65
CA LYS A 395 -30.79 35.46 -67.31
CA ILE A 396 -30.12 31.99 -65.88
CA THR A 397 -32.93 29.75 -64.71
CA HIS A 398 -32.88 26.41 -62.94
CA HIS A 399 -35.52 23.88 -61.98
CA TRP A 400 -35.62 22.42 -58.50
CA HIS A 401 -37.98 20.24 -56.50
CA ARG A 402 -37.97 20.02 -52.73
CA SER A 403 -39.27 16.89 -51.05
CA ILE B 1 2.20 -37.54 13.54
CA ARG B 2 1.90 -34.31 11.61
CA CYS B 3 -1.89 -34.65 11.78
CA ILE B 4 -1.83 -33.47 15.38
CA GLY B 5 -3.01 -29.91 15.82
CA VAL B 6 -3.59 -29.25 12.10
CA SER B 7 -7.30 -29.25 13.05
CA ASN B 8 -9.68 -29.49 10.08
CA ARG B 9 -9.40 -33.15 11.02
CA ASP B 10 -12.05 -35.84 11.35
CA PHE B 11 -11.29 -39.15 13.04
CA VAL B 12 -13.15 -42.22 11.74
CA GLU B 13 -15.00 -44.88 13.76
CA GLY B 14 -13.29 -48.18 13.00
CA MET B 15 -12.88 -51.08 10.63
CA SER B 16 -16.27 -52.55 11.53
CA GLY B 17 -16.11 -56.07 10.15
CA GLY B 18 -14.90 -55.18 6.66
CA THR B 19 -11.16 -54.67 7.12
CA TRP B 20 -12.02 -51.61 5.08
CA VAL B 21 -13.29 -48.02 5.40
CA ASP B 22 -14.42 -45.08 3.30
CA VAL B 23 -12.36 -41.99 4.05
CA VAL B 24 -12.50 -38.79 2.06
CA LEU B 25 -9.46 -36.59 2.38
CA GLU B 26 -8.59 -33.16 1.06
CA HIS B 27 -5.81 -30.54 1.03
CA GLY B 28 -6.27 -29.71 4.70
CA GLY B 29 -7.02 -31.61 7.80
CA CYS B 30 -6.11 -35.24 7.95
CA VAL B 31 -8.11 -38.26 8.86
CA THR B 32 -6.68 -40.30 11.71
CA VAL B 33 -8.19 -43.79 11.69
CA MET B 34 -8.13 -46.16 14.65
CA ALA B 35 -9.64 -49.64 14.67
CA GLN B 36 -9.39 -52.73 16.87
CA ASP B 37 -5.73 -52.45 17.89
CA LYS B 38 -4.51 -51.67 14.45
CA PRO B 39 -1.91 -48.88 14.58
CA THR B 40 -3.74 -45.60 14.07
CA VAL B 41 -2.61 -43.73 10.97
CA ASP B 42 -3.50 -40.45 9.28
CA ILE B 43 -3.17 -39.23 5.71
CA GLU B 44 -3.43 -35.77 4.15
CA LEU B 45 -3.56 -35.10 0.39
CA VAL B 46 -0.57 -32.83 -0.19
CA THR B 47 -0.37 -31.63 -3.76
CA THR B 48 -2.49 -32.95 -6.60
CA THR B 49 -0.22 -32.33 -9.57
CA VAL B 50 -1.54 -32.16 -13.11
CA SER B 51 0.99 -32.33 -15.93
CA ASN B 52 0.81 -32.59 -19.73
CA MET B 53 -2.00 -30.18 -20.53
CA ALA B 54 -3.18 -28.54 -23.75
CA GLU B 55 -4.25 -25.03 -24.67
CA VAL B 56 -7.91 -24.31 -25.31
CA ARG B 57 -8.77 -20.81 -26.49
CA SER B 58 -6.90 -17.85 -25.02
CA TYR B 59 -7.64 -14.19 -24.48
CA CYS B 60 -5.68 -11.00 -24.99
CA TYR B 61 -6.26 -8.85 -21.92
CA GLU B 62 -4.16 -6.01 -23.39
CA ALA B 63 -4.40 -4.11 -26.65
CA SER B 64 -2.11 -2.15 -28.94
CA ILE B 65 -3.83 -0.15 -31.63
CA SER B 66 -1.94 0.97 -34.72
CA ASP B 67 -1.91 2.51 -38.17
CA MET B 68 -5.30 4.23 -38.30
CA ALA B 69 -5.90 5.89 -41.72
CA SER B 70 -9.51 6.59 -42.81
CA ASP B 71 -11.89 6.47 -45.75
CA SER B 72 -13.50 9.82 -46.70
CA ARG B 73 -15.90 8.87 -49.45
CA CYS B 74 -18.43 11.47 -50.54
CA PRO B 75 -22.19 10.86 -50.28
CA THR B 76 -23.67 8.99 -53.25
CA GLN B 77 -20.20 7.96 -54.28
CA GLY B 78 -21.26 4.69 -52.75
CA GLU B 79 -18.73 3.19 -50.42
CA ALA B 80 -15.20 3.73 -49.23
CA TYR B 81 -12.86 0.77 -49.52
CA LEU B 82 -9.35 1.25 -48.14
CA ASP B 83 -8.37 -2.40 -48.60
CA LYS B 84 -7.76 -3.11 -44.92
CA GLN B 85 -11.18 -4.63 -44.48
CA SER B 86 -9.61 -7.22 -46.76
CA ASP B 87 -6.66 -7.96 -44.49
CA THR B 88 -7.47 -9.86 -41.36
CA GLN B 89 -6.06 -7.77 -38.49
CA TYR B 90 -7.38 -4.26 -39.09
CA VAL B 91 -10.64 -3.90 -37.20
CA CYS B 92 -13.17 -1.76 -39.11
CA LYS B 93 -16.51 -0.25 -38.11
CA ARG B 94 -18.19 1.71 -40.88
CA THR B 95 -19.78 4.97 -39.78
CA LEU B 96 -21.65 7.68 -41.63
CA VAL B 97 -20.12 11.14 -41.58
CA ASP B 98 -22.68 13.71 -42.47
CA ARG B 99 -20.40 15.54 -44.81
CA GLY B 100 -20.40 19.16 -45.77
CA TRP B 101 -18.53 21.43 -48.17
CA GLY B 102 -15.46 21.67 -45.95
CA ASN B 103 -14.56 18.17 -47.02
CA GLY B 104 -16.09 19.05 -50.36
CA CYS B 105 -18.71 16.81 -51.76
CA GLY B 106 -21.70 17.18 -54.07
CA LEU B 107 -24.63 16.08 -51.97
CA PHE B 108 -24.88 16.32 -48.18
CA GLY B 109 -25.63 13.57 -45.74
CA LYS B 110 -24.20 10.37 -44.44
CA GLY B 111 -20.73 10.03 -45.94
CA SER B 112 -19.71 6.42 -45.21
CA LEU B 113 -16.19 6.30 -43.86
CA VAL B 114 -14.41 3.88 -41.51
CA THR B 115 -10.97 4.09 -39.98
CA CYS B 116 -9.44 0.64 -39.91
CA ALA B 117 -6.73 0.49 -37.26
CA LYS B 118 -4.50 -2.55 -37.10
CA PHE B 119 -5.07 -4.59 -33.96
CA ALA B 120 -2.19 -6.12 -32.04
CA CYS B 121 -1.80 -8.01 -28.80
CA SER B 122 0.51 -8.32 -25.86
CA LYS B 123 0.44 -10.72 -22.92
CA LYS B 124 -2.41 -13.07 -23.72
CA MET B 125 -4.00 -15.17 -21.00
CA THR B 126 -3.99 -18.85 -21.90
CA GLY B 127 -6.90 -21.12 -21.16
CA LYS B 128 -4.85 -24.29 -20.76
CA SER B 129 -7.12 -27.32 -20.33
CA ILE B 130 -6.81 -30.72 -18.68
CA GLN B 131 -8.59 -34.08 -18.55
CA PRO B 132 -8.60 -36.76 -15.81
CA GLU B 133 -5.49 -38.28 -17.34
CA ASN B 134 -2.08 -36.86 -16.50
CA LEU B 135 -3.36 -36.16 -13.00
CA GLU B 136 -1.79 -37.29 -9.74
CA TYR B 137 -2.00 -36.93 -5.98
CA ARG B 138 1.02 -37.86 -3.82
CA ILE B 139 -0.74 -38.65 -0.58
CA MET B 140 1.23 -38.95 2.68
CA LEU B 141 1.09 -41.39 5.61
CA SER B 142 2.05 -40.85 9.23
CA VAL B 143 1.30 -43.72 11.67
CA HIS B 144 1.57 -42.25 15.18
CA GLY B 145 3.31 -45.11 16.91
CA SER B 146 6.07 -43.41 18.86
CA GLN B 147 8.09 -40.68 17.27
CA HIS B 148 7.95 -36.92 17.54
CA SER B 149 10.04 -35.79 14.56
CA GLY B 150 10.86 -38.82 12.44
CA MET B 151 12.98 -40.44 15.15
CA ILE B 152 16.37 -38.85 14.54
CA VAL B 153 15.69 -36.61 11.56
CA ASN B 154 15.33 -38.40 8.23
CA ASP B 155 12.96 -38.24 5.30
CA THR B 156 14.33 -40.05 2.24
CA GLY B 157 12.41 -41.16 -0.85
CA HIS B 158 10.51 -44.25 0.28
CA GLU B 159 13.63 -46.25 1.18
CA THR B 160 14.73 -46.35 4.82
CA ASP B 161 11.59 -45.30 6.69
CA GLU B 162 9.30 -46.36 9.55
CA ASN B 163 5.96 -44.53 9.88
CA ARG B 164 5.81 -42.08 6.97
CA ALA B 165 5.23 -43.41 3.49
CA LYS B 166 4.21 -41.30 0.50
CA VAL B 167 1.90 -42.75 -2.14
CA GLU B 168 1.73 -41.52 -5.69
CA ILE B 169 -1.78 -42.07 -7.02
CA THR B 170 -2.83 -41.66 -10.63
CA PRO B 171 -6.21 -42.08 -12.32
CA ASN B 172 -4.84 -45.05 -14.26
CA SER B 173 -3.45 -46.91 -11.20
CA PRO B 174 -5.89 -46.21 -8.39
CA ARG B 175 -4.15 -48.53 -5.94
CA ALA B 176 -1.72 -47.72 -3.19
CA GLU B 177 0.89 -50.28 -2.28
CA ALA B 178 2.30 -48.47 0.72
CA THR B 179 4.83 -50.39 2.75
CA LEU B 180 6.08 -49.38 6.16
CA GLY B 181 9.11 -50.51 8.13
CA GLY B 182 8.20 -52.65 11.11
CA PHE B 183 4.68 -53.69 10.14
CA GLY B 184 2.45 -54.33 7.22
CA SER B 185 1.36 -52.15 4.35
CA LEU B 186 -1.76 -50.00 4.36
CA GLY B 187 -2.95 -50.75 0.82
CA LEU B 188 -5.57 -48.10 -0.01
CA ASP B 189 -7.57 -48.08 -3.26
CA CYS B 190 -8.39 -44.62 -4.62
CA GLU B 191 -11.03 -43.40 -7.02
CA PRO B 192 -9.32 -40.52 -8.85
CA ARG B 193 -11.84 -40.92 -11.65
CA THR B 194 -14.28 -39.15 -9.33
CA GLY B 195 -12.48 -36.00 -8.30
CA LEU B 196 -14.00 -32.54 -8.04
CA ASP B 197 -15.81 -31.79 -11.32
CA PHE B 198 -12.79 -32.58 -13.45
CA SER B 199 -13.00 -31.95 -17.20
CA ASP B 200 -14.56 -28.69 -16.14
CA LEU B 201 -11.06 -27.70 -15.06
CA TYR B 202 -9.37 -25.18 -17.30
CA TYR B 203 -6.19 -23.80 -15.84
CA LEU B 204 -6.10 -20.07 -16.51
CA THR B 205 -2.72 -18.40 -16.88
CA MET B 206 -2.37 -14.66 -16.88
CA ASN B 207 1.15 -13.81 -15.84
CA ASN B 208 3.01 -16.13 -13.51
CA LYS B 209 -0.11 -17.12 -11.62
CA HIS B 210 -2.73 -19.72 -12.30
CA TRP B 211 -6.18 -20.75 -11.10
CA LEU B 212 -8.91 -23.17 -12.12
CA VAL B 213 -12.14 -21.91 -13.71
CA HIS B 214 -15.03 -23.88 -15.17
CA LYS B 215 -16.09 -24.04 -18.76
CA GLU B 216 -18.80 -21.47 -18.34
CA TRP B 217 -17.15 -18.46 -16.83
CA PHE B 218 -14.32 -19.33 -19.19
CA HIS B 219 -16.33 -19.77 -22.37
CA ASP B 220 -18.44 -16.74 -21.55
CA ILE B 221 -15.67 -14.09 -21.70
CA PRO B 222 -16.23 -11.32 -24.28
CA LEU B 223 -12.51 -10.82 -25.06
CA PRO B 224 -10.78 -12.13 -28.23
CA TRP B 225 -10.76 -15.91 -28.75
CA HIS B 226 -7.41 -16.81 -30.41
CA ALA B 227 -7.96 -20.56 -30.85
CA GLY B 228 -4.89 -22.41 -29.52
CA ALA B 229 -1.22 -21.84 -30.44
CA ASP B 230 0.73 -18.56 -30.67
CA THR B 231 3.04 -19.20 -33.57
CA GLY B 232 4.15 -15.94 -35.11
CA THR B 233 1.29 -13.72 -34.36
CA PRO B 234 -2.17 -15.27 -34.11
CA HIS B 235 -5.39 -14.42 -35.88
CA TRP B 236 -7.50 -12.80 -33.20
CA ASN B 237 -11.13 -13.75 -33.28
CA ASN B 238 -13.70 -11.18 -32.17
CA LYS B 239 -11.79 -7.96 -31.22
CA GLU B 240 -14.95 -5.96 -30.72
CA ALA B 241 -14.57 -5.98 -26.95
CA LEU B 242 -11.27 -4.19 -26.98
CA VAL B 243 -10.79 -1.41 -29.54
CA GLU B 244 -14.06 0.47 -29.10
CA PHE B 245 -14.27 3.38 -31.53
CA LYS B 246 -17.08 5.84 -32.22
CA ASP B 247 -17.29 9.52 -33.13
CA ALA B 248 -19.64 12.48 -32.82
CA HIS B 249 -19.79 15.84 -34.60
CA ALA B 250 -19.07 13.73 -37.70
CA LYS B 251 -15.33 14.45 -37.41
CA ARG B 252 -13.46 11.36 -38.64
CA GLN B 253 -13.27 8.58 -36.08
CA THR B 254 -11.86 8.16 -32.62
CA VAL B 255 -10.19 4.75 -32.32
CA VAL B 256 -9.70 4.00 -28.64
CA VAL B 257 -7.43 1.34 -27.21
CA LEU B 258 -9.57 0.50 -24.19
CA GLY B 259 -6.52 -0.38 -22.09
CA SER B 260 -5.72 -3.69 -20.45
CA GLN B 261 -8.03 -6.03 -18.55
CA GLU B 262 -6.21 -7.59 -15.58
CA GLY B 263 -8.30 -5.81 -12.98
CA ALA B 264 -11.42 -7.00 -14.75
CA VAL B 265 -10.57 -10.69 -14.97
CA HIS B 266 -9.04 -10.70 -11.50
CA THR B 267 -12.24 -8.99 -10.42
CA ALA B 268 -14.50 -11.31 -12.38
CA LEU B 269 -13.12 -14.45 -10.75
CA ALA B 270 -14.34 -14.77 -7.20
CA GLY B 271 -14.84 -18.52 -7.12
CA ALA B 272 -11.63 -19.74 -8.67
CA LEU B 273 -9.32 -21.95 -6.62
CA GLU B 274 -5.84 -20.50 -7.04
CA ALA B 275 -3.12 -22.85 -8.23
CA GLU B 276 0.65 -22.65 -8.55
CA MET B 277 2.35 -23.94 -11.67
CA ASP B 278 6.00 -24.66 -12.51
CA GLY B 279 7.27 -25.83 -15.89
CA ALA B 280 4.03 -27.51 -16.92
CA LYS B 281 3.54 -29.80 -13.88
CA GLY B 282 0.49 -27.73 -13.19
CA ARG B 283 0.14 -28.05 -9.46
CA LEU B 284 -3.11 -27.70 -7.60
CA SER B 285 -4.47 -27.54 -4.10
CA SER B 286 -7.98 -28.30 -2.91
CA GLY B 287 -9.34 -31.52 -4.24
CA HIS B 288 -11.37 -34.12 -2.49
CA LEU B 289 -10.45 -37.73 -3.08
CA LYS B 290 -12.16 -40.96 -2.08
CA CYS B 291 -9.23 -43.29 -1.42
CA ARG B 292 -10.68 -46.13 0.65
CA LEU B 293 -8.30 -47.45 3.28
CA LYS B 294 -8.04 -51.22 3.16
CA MET B 295 -7.16 -52.90 6.43
CA ASP B 296 -5.93 -56.23 7.81
CA LYS B 297 -2.52 -55.57 6.35
CA LEU B 298 -1.88 -53.20 9.27
CA ARG B 299 -0.46 -54.68 12.44
CA LEU B 300 0.74 -53.28 15.75
CA LYS B 301 4.48 -53.27 16.25
CA GLY B 302 5.96 -55.23 19.13
CA VAL B 303 2.66 -55.96 20.83
CA SER B 304 4.44 -57.58 23.75
CA TYR B 305 7.74 -55.95 24.84
CA SER B 306 6.75 -56.72 28.48
CA LEU B 307 5.89 -53.67 30.61
CA CYS B 308 9.32 -51.97 30.52
CA THR B 309 9.41 -50.25 33.92
CA ALA B 310 11.67 -47.30 34.72
CA ALA B 311 11.36 -43.61 35.54
CA PHE B 312 9.47 -41.18 33.31
CA THR B 313 10.01 -37.44 33.07
CA PHE B 314 7.76 -35.25 30.99
CA THR B 315 9.98 -33.55 28.46
CA LYS B 316 7.54 -30.83 27.50
CA ILE B 317 4.55 -29.70 29.46
CA PRO B 318 1.93 -31.58 27.50
CA ALA B 319 -0.52 -29.95 25.18
CA GLU B 320 -4.20 -29.67 24.38
CA THR B 321 -5.14 -29.52 20.72
CA LEU B 322 -8.40 -27.97 19.59
CA HIS B 323 -9.86 -31.27 18.36
CA GLY B 324 -10.06 -32.93 21.79
CA THR B 325 -6.63 -34.41 22.44
CA VAL B 326 -3.63 -34.20 24.74
CA THR B 327 -0.14 -34.87 23.45
CA VAL B 328 2.66 -36.03 25.73
CA GLU B 329 6.38 -36.61 25.30
CA VAL B 330 8.37 -38.80 27.69
CA GLN B 331 12.04 -39.60 28.30
CA TYR B 332 11.66 -43.00 30.03
CA ALA B 333 14.97 -42.34 31.79
CA GLY B 334 17.02 -44.92 29.96
CA THR B 335 16.54 -48.62 30.54
CA ASP B 336 15.99 -51.21 27.84
CA GLY B 337 15.85 -51.39 24.11
CA PRO B 338 12.54 -51.73 22.27
CA CYS B 339 10.09 -51.90 25.16
CA LYS B 340 6.48 -50.92 25.84
CA VAL B 341 5.24 -48.07 28.03
CA PRO B 342 1.59 -47.89 29.11
CA ALA B 343 -0.36 -44.78 29.98
CA GLN B 344 -3.82 -44.26 31.44
CA MET B 345 -6.40 -41.54 31.90
CA ALA B 346 -7.40 -41.91 35.53
CA VAL B 347 -10.30 -40.05 37.08
CA ASP B 348 -9.41 -41.68 40.40
CA MET B 349 -6.38 -41.49 42.67
CA GLN B 350 -3.11 -41.27 40.80
CA THR B 351 -3.68 -44.69 39.20
CA LEU B 352 -6.29 -47.43 38.85
CA THR B 353 -9.57 -47.26 36.89
CA PRO B 354 -8.86 -45.70 33.51
CA VAL B 355 -11.36 -43.73 31.45
CA GLY B 356 -11.38 -42.06 28.08
CA ARG B 357 -9.51 -43.43 25.11
CA LEU B 358 -6.01 -43.53 23.68
CA ILE B 359 -6.02 -42.00 20.22
CA THR B 360 -2.62 -43.62 19.64
CA ALA B 361 -2.38 -47.37 20.08
CA ASN B 362 0.29 -49.70 21.44
CA PRO B 363 2.38 -46.82 22.86
CA VAL B 364 5.95 -48.01 22.71
CA ILE B 365 9.55 -46.99 23.32
CA THR B 366 11.76 -47.11 20.29
CA GLU B 367 15.21 -48.27 21.33
CA SER B 368 18.44 -48.21 23.35
CA THR B 369 20.05 -45.31 25.17
CA GLU B 370 18.51 -43.01 27.78
CA ASN B 371 15.56 -41.20 26.37
CA SER B 372 13.47 -41.88 23.31
CA LYS B 373 10.27 -39.75 23.39
CA MET B 374 7.00 -41.49 22.75
CA MET B 375 4.40 -38.90 21.78
CA LEU B 376 0.86 -40.09 22.41
CA GLU B 377 -2.43 -38.65 21.21
CA LEU B 378 -4.83 -39.04 24.16
CA ASP B 379 -8.37 -37.89 24.65
CA PRO B 380 -9.13 -37.24 28.31
CA PRO B 381 -12.68 -37.76 29.54
CA PHE B 382 -14.99 -34.79 29.36
CA GLY B 383 -14.04 -33.99 32.95
CA ASP B 384 -10.61 -33.35 34.41
CA SER B 385 -8.28 -36.32 34.90
CA TYR B 386 -4.66 -37.04 35.65
CA ILE B 387 -2.56 -38.27 32.79
CA VAL B 388 -0.69 -41.28 34.15
CA ILE B 389 2.51 -42.93 32.93
CA GLY B 390 2.61 -46.71 33.29
CA VAL B 391 5.10 -47.88 35.89
CA GLY B 392 3.15 -49.30 38.81
CA GLU B 393 4.80 -46.86 41.22
CA LYS B 394 7.25 -44.15 40.11
CA LYS B 395 5.58 -41.89 37.54
CA ILE B 396 4.96 -38.24 36.75
CA THR B 397 1.37 -37.06 36.12
CA HIS B 398 -0.90 -34.08 35.27
CA HIS B 399 -4.43 -32.67 35.41
CA TRP B 400 -6.22 -31.98 32.11
CA HIS B 401 -9.66 -30.28 32.54
CA ARG B 402 -11.24 -31.29 29.20
CA SER B 403 -14.05 -28.69 29.31
CA ILE C 1 2.27 -24.15 67.54
CA ARG C 2 2.48 -22.53 64.11
CA CYS C 3 -1.29 -22.58 64.12
CA ILE C 4 -2.74 -21.64 67.48
CA GLY C 5 -4.60 -18.34 67.55
CA VAL C 6 -4.88 -17.46 63.87
CA SER C 7 -8.67 -17.25 64.29
CA ASN C 8 -9.02 -18.81 60.83
CA ARG C 9 -7.72 -22.23 61.82
CA ASP C 10 -9.79 -25.32 61.19
CA PHE C 11 -9.75 -28.76 62.77
CA VAL C 12 -10.04 -31.90 60.67
CA GLU C 13 -10.14 -35.42 62.07
CA GLY C 14 -10.45 -38.63 60.08
CA MET C 15 -12.15 -41.59 61.76
CA SER C 16 -10.66 -44.90 60.56
CA GLY C 17 -11.35 -45.04 56.79
CA GLY C 18 -7.66 -45.68 56.19
CA THR C 19 -5.43 -42.66 55.95
CA TRP C 20 -7.24 -40.47 53.46
CA VAL C 21 -8.38 -37.17 54.98
CA ASP C 22 -7.05 -34.39 52.70
CA VAL C 23 -8.02 -30.79 53.07
CA VAL C 24 -8.24 -27.50 51.29
CA LEU C 25 -5.48 -25.55 52.98
CA GLU C 26 -5.87 -21.87 52.39
CA HIS C 27 -3.61 -18.91 52.89
CA GLY C 28 -4.62 -17.04 56.00
CA GLY C 29 -5.70 -20.23 57.75
CA CYS C 30 -3.77 -23.03 59.34
CA VAL C 31 -5.41 -26.42 59.05
CA THR C 32 -4.68 -28.75 61.96
CA VAL C 33 -5.07 -32.51 61.64
CA MET C 34 -5.62 -35.07 64.38
CA ALA C 35 -6.17 -38.82 64.18
CA GLN C 36 -6.98 -41.46 66.78
CA ASP C 37 -3.42 -42.65 66.42
CA LYS C 38 -0.68 -40.42 64.99
CA PRO C 39 0.67 -37.09 66.21
CA THR C 40 -1.23 -33.98 65.20
CA VAL C 41 0.07 -31.66 62.52
CA ASP C 42 -0.60 -28.06 61.52
CA ILE C 43 -0.37 -26.99 57.89
CA GLU C 44 -0.79 -23.45 56.55
CA LEU C 45 -0.05 -22.25 53.04
CA VAL C 46 2.27 -19.26 53.60
CA THR C 47 3.85 -18.14 50.31
CA THR C 48 2.74 -18.99 46.77
CA THR C 49 5.44 -17.94 44.30
CA VAL C 50 4.78 -17.28 40.62
CA SER C 51 8.12 -18.01 39.03
CA ASN C 52 8.24 -16.93 35.38
CA MET C 53 6.17 -14.24 33.71
CA ALA C 54 5.98 -12.69 30.27
CA GLU C 55 4.77 -9.20 29.48
CA VAL C 56 1.49 -8.28 27.87
CA ARG C 57 0.78 -4.62 26.98
CA SER C 58 2.00 -1.83 29.26
CA TYR C 59 -0.34 1.09 28.92
CA CYS C 60 0.31 4.52 30.38
CA TYR C 61 -1.19 6.32 33.32
CA GLU C 62 0.45 9.72 32.78
CA ALA C 63 0.66 11.50 29.42
CA SER C 64 2.80 14.44 28.39
CA ILE C 65 2.57 16.25 25.08
CA SER C 66 5.26 18.01 23.06
CA ASP C 67 5.12 20.66 20.35
CA MET C 68 1.92 21.55 18.56
CA ALA C 69 1.77 22.21 14.84
CA SER C 70 -1.20 23.49 12.87
CA ASP C 71 -1.46 23.33 9.05
CA SER C 72 -4.78 25.01 8.26
CA ARG C 73 -6.07 24.97 4.68
CA CYS C 74 -8.74 27.39 3.56
CA PRO C 75 -12.33 26.42 2.62
CA THR C 76 -11.61 25.15 -0.87
CA GLN C 77 -9.04 22.35 -1.19
CA GLY C 78 -10.36 21.03 2.10
CA GLU C 79 -8.24 18.58 4.01
CA ALA C 80 -4.97 19.62 5.60
CA TYR C 81 -1.85 17.54 6.05
CA LEU C 82 0.83 18.55 8.57
CA ASP C 83 3.83 16.40 7.67
CA LYS C 84 4.45 15.73 11.34
CA GLN C 85 1.44 13.46 10.97
CA SER C 86 2.10 10.00 9.53
CA ASP C 87 4.22 9.12 12.51
CA THR C 88 3.72 6.83 15.40
CA GLN C 89 4.37 9.70 17.79
CA TYR C 90 1.93 12.40 16.67
CA VAL C 91 -1.81 12.37 17.34
CA CYS C 92 -4.22 14.31 15.14
CA LYS C 93 -7.90 15.16 14.62
CA ARG C 94 -9.63 17.26 11.97
CA THR C 95 -12.03 19.94 13.18
CA LEU C 96 -13.66 21.96 10.40
CA VAL C 97 -13.22 25.64 11.39
CA ASP C 98 -15.08 28.75 10.26
CA ARG C 99 -12.15 30.53 8.67
CA GLY C 100 -13.31 32.86 5.96
CA TRP C 101 -12.56 36.36 4.75
CA GLY C 102 -10.48 38.75 6.83
CA ASN C 103 -7.78 36.13 7.28
CA GLY C 104 -6.73 34.55 3.98
CA CYS C 105 -9.24 32.14 2.57
CA GLY C 106 -10.97 34.05 -0.20
CA LEU C 107 -14.30 32.40 0.62
CA PHE C 108 -16.38 31.66 3.68
CA GLY C 109 -17.01 27.95 4.15
CA LYS C 110 -15.05 26.61 6.92
CA GLY C 111 -11.73 25.06 6.26
CA SER C 112 -10.09 22.20 7.89
CA LEU C 113 -7.18 22.29 10.13
CA VAL C 114 -5.14 19.36 11.32
CA THR C 115 -3.54 20.50 14.58
CA CYS C 116 -1.42 17.69 16.02
CA ALA C 117 0.84 17.21 19.03
CA LYS C 118 3.55 14.73 20.01
CA PHE C 119 2.69 12.15 22.65
CA ALA C 120 5.51 10.91 24.85
CA CYS C 121 4.43 9.15 28.03
CA SER C 122 5.74 9.03 31.61
CA LYS C 123 4.69 5.98 33.62
CA LYS C 124 4.07 2.53 32.39
CA MET C 125 1.51 0.19 33.89
CA THR C 126 3.22 -2.91 32.42
CA GLY C 127 0.78 -5.79 32.74
CA LYS C 128 2.41 -9.18 33.07
CA SER C 129 0.92 -12.58 32.34
CA ILE C 130 1.14 -15.87 34.19
CA GLN C 131 0.12 -19.36 33.19
CA PRO C 132 -0.76 -21.97 35.80
CA GLU C 133 2.36 -24.03 35.31
CA ASN C 134 5.68 -23.03 36.93
CA LEU C 135 3.89 -21.40 39.86
CA GLU C 136 5.16 -22.58 43.23
CA TYR C 137 3.27 -23.21 46.48
CA ARG C 138 5.40 -23.30 49.62
CA ILE C 139 3.63 -24.88 52.58
CA MET C 140 5.25 -25.16 56.01
CA LEU C 141 3.85 -27.61 58.53
CA SER C 142 4.64 -28.09 62.22
CA VAL C 143 3.65 -30.79 64.70
CA HIS C 144 2.63 -30.76 68.36
CA GLY C 145 4.93 -31.83 71.18
CA SER C 146 7.39 -30.00 73.38
CA GLN C 147 8.63 -26.85 71.56
CA HIS C 148 7.00 -24.12 73.62
CA SER C 149 8.03 -20.88 71.85
CA GLY C 150 11.79 -21.21 71.39
CA MET C 151 13.26 -24.66 70.80
CA ILE C 152 15.91 -25.22 68.13
CA VAL C 153 18.02 -22.11 67.56
CA ASN C 154 17.76 -22.49 63.78
CA ASP C 155 13.97 -22.64 63.71
CA THR C 156 14.25 -22.21 59.96
CA GLY C 157 12.66 -25.52 59.04
CA HIS C 158 14.72 -28.32 57.58
CA GLU C 159 17.52 -30.61 58.54
CA THR C 160 17.15 -29.95 62.28
CA ASP C 161 13.80 -29.04 63.83
CA GLU C 162 12.46 -32.58 63.81
CA ASN C 163 9.08 -30.87 64.21
CA ARG C 164 8.41 -28.21 61.55
CA ALA C 165 8.94 -29.17 57.91
CA LYS C 166 9.18 -27.00 54.81
CA VAL C 167 7.38 -28.27 51.71
CA GLU C 168 7.27 -26.60 48.29
CA ILE C 169 4.76 -28.01 45.84
CA THR C 170 5.10 -27.21 42.17
CA PRO C 171 2.61 -28.48 39.57
CA ASN C 172 5.74 -30.01 38.12
CA SER C 173 5.88 -32.00 41.39
CA PRO C 174 2.36 -32.19 42.83
CA ARG C 175 3.33 -34.98 45.19
CA ALA C 176 5.27 -34.03 48.26
CA GLU C 177 6.56 -36.12 51.14
CA ALA C 178 8.16 -34.33 54.07
CA THR C 179 10.23 -36.33 56.51
CA LEU C 180 9.92 -35.66 60.23
CA GLY C 181 12.54 -37.53 62.21
CA GLY C 182 10.80 -39.87 64.58
CA PHE C 183 7.40 -38.76 63.35
CA GLY C 184 6.61 -39.69 59.76
CA SER C 185 6.32 -38.71 56.13
CA LEU C 186 2.77 -37.31 55.98
CA GLY C 187 2.44 -37.76 52.26
CA LEU C 188 1.20 -34.57 50.64
CA ASP C 189 -0.57 -34.91 47.34
CA CYS C 190 -1.37 -31.33 46.48
CA GLU C 191 -2.84 -29.94 43.30
CA PRO C 192 -1.09 -26.92 42.23
CA ARG C 193 -3.38 -25.95 39.41
CA THR C 194 -7.07 -25.82 40.20
CA GLY C 195 -6.70 -23.38 43.05
CA LEU C 196 -7.09 -19.74 42.08
CA ASP C 197 -8.26 -19.83 38.41
CA PHE C 198 -4.86 -18.74 37.14
CA SER C 199 -4.28 -17.80 33.48
CA ASP C 200 -7.16 -15.48 33.97
CA LEU C 201 -5.23 -13.35 36.43
CA TYR C 202 -2.61 -10.97 35.04
CA TYR C 203 0.12 -9.50 37.21
CA LEU C 204 -0.32 -5.73 37.03
CA THR C 205 2.35 -3.19 37.92
CA MET C 206 1.63 0.44 38.65
CA ASN C 207 4.43 2.42 40.21
CA ASN C 208 6.31 -0.02 42.46
CA LYS C 209 3.15 -1.92 43.40
CA HIS C 210 1.69 -5.19 42.20
CA TRP C 211 -1.65 -6.94 42.15
CA LEU C 212 -3.62 -9.45 40.13
CA VAL C 213 -6.57 -8.67 37.86
CA HIS C 214 -8.27 -11.00 35.38
CA LYS C 215 -8.04 -11.04 31.61
CA GLU C 216 -11.31 -9.17 31.14
CA TRP C 217 -10.52 -6.10 33.15
CA PHE C 218 -6.98 -5.81 31.90
CA HIS C 219 -7.84 -5.82 28.23
CA ASP C 220 -10.69 -3.40 28.67
CA ILE C 221 -8.99 -0.36 30.22
CA PRO C 222 -9.02 2.24 27.67
CA LEU C 223 -5.57 3.76 27.78
CA PRO C 224 -2.62 3.87 25.35
CA TRP C 225 -1.38 0.42 24.44
CA HIS C 226 2.21 -0.63 24.32
CA ALA C 227 1.25 -3.85 22.50
CA GLY C 228 3.69 -5.75 24.69
CA ALA C 229 6.46 -4.03 22.75
CA ASP C 230 10.06 -3.85 23.88
CA THR C 231 12.13 -0.75 24.50
CA GLY C 232 12.89 1.56 21.52
CA THR C 233 10.27 4.25 21.11
CA PRO C 234 7.14 2.19 21.64
CA HIS C 235 4.43 2.66 19.09
CA TRP C 236 1.44 3.53 21.24
CA ASN C 237 -1.87 2.17 20.14
CA ASN C 238 -4.97 4.21 20.86
CA LYS C 239 -3.38 7.47 22.20
CA GLU C 240 -6.63 9.27 21.43
CA ALA C 241 -8.47 8.34 24.60
CA LEU C 242 -5.92 10.16 26.71
CA VAL C 243 -5.83 13.48 24.83
CA GLU C 244 -8.40 16.28 24.64
CA PHE C 245 -9.14 17.94 21.30
CA LYS C 246 -11.37 20.95 21.93
CA ASP C 247 -11.88 23.93 19.63
CA ALA C 248 -12.53 27.23 21.37
CA HIS C 249 -15.86 28.57 20.15
CA ALA C 250 -15.62 28.02 16.37
CA LYS C 251 -11.91 28.67 15.87
CA ARG C 252 -8.34 27.80 16.86
CA GLN C 253 -8.34 24.19 17.99
CA THR C 254 -6.42 23.39 21.17
CA VAL C 255 -5.16 20.12 22.63
CA VAL C 256 -4.60 19.32 26.32
CA VAL C 257 -2.79 16.45 28.01
CA LEU C 258 -5.45 15.21 30.48
CA GLY C 259 -2.85 14.32 33.11
CA SER C 260 -1.96 11.33 35.24
CA GLN C 261 -4.77 8.82 35.76
CA GLU C 262 -2.86 6.73 38.32
CA GLY C 263 -5.49 7.46 40.94
CA ALA C 264 -8.22 6.70 38.45
CA VAL C 265 -7.11 3.15 37.78
CA HIS C 266 -6.52 2.75 41.52
CA THR C 267 -10.12 3.62 42.31
CA ALA C 268 -11.34 1.65 39.33
CA LEU C 269 -9.43 -1.38 40.55
CA ALA C 270 -11.42 -2.12 43.73
CA GLY C 271 -11.91 -5.80 42.95
CA ALA C 272 -8.29 -6.91 42.72
CA LEU C 273 -6.19 -8.57 45.38
CA GLU C 274 -2.81 -7.04 46.11
CA ALA C 275 0.33 -9.04 45.32
CA GLU C 276 3.27 -8.49 47.60
CA MET C 277 6.45 -8.47 45.61
CA ASP C 278 8.17 -8.37 42.29
CA GLY C 279 11.61 -9.54 41.23
CA ALA C 280 12.83 -12.44 39.20
CA LYS C 281 9.65 -14.02 40.62
CA GLY C 282 6.27 -12.60 41.49
CA ARG C 283 5.52 -13.60 45.09
CA LEU C 284 1.85 -13.21 45.85
CA SER C 285 -0.50 -13.94 48.72
CA SER C 286 -3.88 -15.41 49.53
CA GLY C 287 -4.05 -18.53 47.37
CA HIS C 288 -6.16 -21.66 47.38
CA LEU C 289 -4.90 -25.28 47.40
CA LYS C 290 -6.68 -28.61 47.54
CA CYS C 291 -4.17 -31.09 48.90
CA ARG C 292 -4.80 -34.75 49.47
CA LEU C 293 -3.13 -35.27 52.82
CA LYS C 294 -1.84 -38.77 53.37
CA MET C 295 -0.65 -39.99 56.74
CA ASP C 296 0.61 -43.51 55.98
CA LYS C 297 3.71 -43.50 58.19
CA LEU C 298 3.49 -41.24 61.19
CA ARG C 299 4.74 -42.64 64.49
CA LEU C 300 4.04 -40.89 67.78
CA LYS C 301 7.59 -41.49 69.15
CA GLY C 302 6.41 -40.98 72.72
CA VAL C 303 4.34 -44.08 73.32
CA SER C 304 7.29 -46.11 74.54
CA TYR C 305 8.51 -43.55 77.09
CA SER C 306 8.04 -43.82 80.80
CA LEU C 307 5.81 -41.23 82.42
CA CYS C 308 7.47 -39.04 85.02
CA THR C 309 6.40 -38.29 88.55
CA ALA C 310 7.44 -34.76 89.45
CA ALA C 311 5.98 -31.44 90.41
CA PHE C 312 4.61 -29.36 87.55
CA THR C 313 4.45 -25.58 87.74
CA PHE C 314 2.52 -23.56 85.18
CA THR C 315 4.24 -20.42 84.05
CA LYS C 316 2.00 -18.71 81.54
CA ILE C 317 -1.52 -19.00 82.83
CA PRO C 318 -3.60 -21.09 80.40
CA ALA C 319 -5.64 -19.24 77.80
CA GLU C 320 -8.67 -19.70 75.58
CA THR C 321 -8.05 -19.50 71.85
CA LEU C 322 -10.84 -18.26 69.63
CA HIS C 323 -11.66 -21.72 68.35
CA GLY C 324 -11.91 -22.79 71.97
CA THR C 325 -8.87 -25.02 72.30
CA VAL C 326 -6.77 -24.14 75.33
CA THR C 327 -3.01 -24.14 75.37
CA VAL C 328 -1.29 -24.70 78.69
CA GLU C 329 2.44 -24.40 79.23
CA VAL C 330 4.03 -26.58 81.92
CA GLN C 331 7.65 -26.48 83.01
CA TYR C 332 8.76 -28.93 85.66
CA ALA C 333 11.94 -29.79 87.50
CA GLY C 334 12.79 -32.80 89.52
CA THR C 335 12.65 -35.72 87.08
CA ASP C 336 14.83 -36.82 84.23
CA GLY C 337 14.40 -38.94 81.15
CA PRO C 338 12.32 -37.94 78.16
CA CYS C 339 9.13 -38.69 80.02
CA LYS C 340 5.47 -38.42 79.16
CA VAL C 341 3.28 -36.16 81.23
CA PRO C 342 -0.33 -36.88 82.16
CA ALA C 343 -2.53 -34.32 80.45
CA GLN C 344 -5.99 -35.51 81.37
CA MET C 345 -8.47 -32.79 82.02
CA ALA C 346 -11.11 -33.73 84.55
CA VAL C 347 -14.47 -32.79 86.05
CA ASP C 348 -14.27 -33.94 89.66
CA MET C 349 -10.94 -33.62 91.41
CA GLN C 350 -11.80 -36.99 92.97
CA THR C 351 -12.14 -39.30 89.97
CA LEU C 352 -9.59 -39.15 87.18
CA THR C 353 -12.21 -40.02 84.50
CA PRO C 354 -10.62 -38.26 81.52
CA VAL C 355 -13.22 -36.18 79.69
CA GLY C 356 -12.70 -33.92 76.73
CA ARG C 357 -10.68 -33.91 73.55
CA LEU C 358 -6.89 -33.70 73.84
CA ILE C 359 -5.24 -32.01 70.86
CA THR C 360 -1.59 -32.84 71.37
CA ALA C 361 -2.27 -36.61 71.23
CA ASN C 362 0.75 -37.86 73.17
CA PRO C 363 2.63 -35.11 75.02
CA VAL C 364 6.28 -35.70 75.84
CA ILE C 365 9.35 -33.82 77.07
CA THR C 366 12.81 -33.19 75.62
CA GLU C 367 14.25 -33.79 79.11
CA SER C 368 17.81 -32.46 79.21
CA THR C 369 18.09 -30.34 82.33
CA GLU C 370 15.32 -28.85 84.48
CA ASN C 371 12.00 -27.90 83.27
CA SER C 372 11.55 -28.20 79.66
CA LYS C 373 8.15 -26.71 78.93
CA MET C 374 6.06 -28.82 76.73
CA MET C 375 2.91 -26.64 76.17
CA LEU C 376 0.39 -29.22 75.13
CA GLU C 377 -3.05 -27.88 74.25
CA LEU C 378 -6.50 -29.16 75.12
CA ASP C 379 -10.15 -29.05 74.02
CA PRO C 380 -12.28 -28.86 77.15
CA PRO C 381 -15.94 -29.88 77.50
CA PHE C 382 -18.68 -27.32 77.20
CA GLY C 383 -19.08 -26.95 80.97
CA ASP C 384 -16.75 -26.29 83.86
CA SER C 385 -13.56 -28.33 83.87
CA TYR C 386 -10.39 -28.82 85.85
CA ILE C 387 -7.26 -29.10 83.72
CA VAL C 388 -4.94 -31.29 85.75
CA ILE C 389 -1.35 -31.78 84.62
CA GLY C 390 0.16 -34.06 87.22
CA VAL C 391 0.74 -37.55 88.45
CA GLY C 392 0.32 -38.55 92.09
CA GLU C 393 -0.71 -36.85 95.32
CA LYS C 394 1.21 -33.90 93.89
CA LYS C 395 -0.59 -32.78 90.75
CA ILE C 396 -1.25 -29.21 89.75
CA THR C 397 -4.65 -28.21 88.38
CA HIS C 398 -6.38 -25.22 86.84
CA HIS C 399 -10.09 -24.38 86.64
CA TRP C 400 -11.37 -23.64 83.16
CA HIS C 401 -15.07 -23.16 82.18
CA ARG C 402 -14.93 -23.27 78.37
CA SER C 403 -18.17 -21.20 78.41
CA GLU D 1 25.95 -40.79 3.16
CA VAL D 2 24.68 -37.23 2.95
CA GLN D 3 27.50 -35.30 1.30
CA LEU D 4 27.97 -31.56 0.89
CA VAL D 5 30.99 -30.18 -0.96
CA GLU D 6 32.00 -26.64 -1.87
CA SER D 7 34.62 -24.64 -3.68
CA GLY D 8 37.91 -24.76 -1.81
CA ALA D 9 40.10 -22.06 -0.35
CA GLU D 10 39.68 -18.82 -2.29
CA VAL D 11 40.68 -15.14 -2.12
CA LYS D 12 39.13 -11.97 -3.53
CA LYS D 13 40.20 -8.33 -3.67
CA PRO D 14 38.11 -5.77 -1.78
CA GLY D 15 35.05 -4.94 -3.84
CA ALA D 16 35.14 -8.20 -5.80
CA SER D 17 32.36 -10.81 -5.84
CA VAL D 18 32.66 -14.37 -4.51
CA LYS D 19 30.66 -17.21 -5.99
CA VAL D 20 30.45 -20.30 -3.80
CA SER D 21 28.99 -23.58 -5.00
CA CYS D 22 27.16 -26.12 -2.85
CA LYS D 23 27.01 -29.54 -4.53
CA ALA D 24 24.53 -31.70 -2.64
CA SER D 25 25.40 -35.39 -2.65
CA GLY D 26 24.18 -38.52 -0.97
CA TYR D 27 20.53 -37.56 -0.51
CA THR D 28 17.51 -36.58 -2.54
CA PHE D 29 17.79 -32.90 -3.36
CA THR D 30 14.25 -33.66 -4.52
CA SER D 31 12.62 -32.34 -1.36
CA TYR D 32 15.40 -29.85 -0.67
CA ALA D 33 16.76 -27.09 1.51
CA MET D 34 19.86 -24.90 1.61
CA HIS D 35 21.42 -22.34 3.94
CA TRP D 36 24.52 -20.21 4.03
CA VAL D 37 26.17 -19.55 7.36
CA ARG D 38 29.23 -17.33 7.27
CA GLN D 39 32.06 -17.92 9.69
CA ALA D 40 35.52 -16.53 10.14
CA PRO D 41 37.52 -17.47 13.28
CA GLY D 42 36.94 -15.58 16.57
CA GLN D 43 33.43 -13.97 16.47
CA ARG D 44 29.76 -14.94 16.35
CA LEU D 45 28.29 -17.02 13.50
CA GLU D 46 26.06 -14.83 11.38
CA TRP D 47 23.33 -16.51 9.39
CA MET D 48 23.04 -14.94 5.98
CA GLY D 49 20.94 -17.58 4.29
CA TRP D 50 18.11 -18.23 1.90
CA ILE D 51 15.72 -21.16 2.32
CA ASN D 52 13.72 -22.65 -0.59
CA ALA D 53 15.35 -24.90 -3.18
CA GLY D 54 12.20 -26.34 -4.72
CA ASN D 55 10.67 -23.14 -5.99
CA GLY D 56 13.89 -21.14 -6.01
CA ASN D 57 12.56 -18.78 -3.36
CA THR D 58 14.90 -16.85 -1.07
CA LYS D 59 14.96 -15.03 2.27
CA TYR D 60 18.02 -13.06 3.32
CA SER D 61 19.18 -11.60 6.59
CA GLN D 62 18.57 -7.89 6.33
CA LYS D 63 22.20 -7.85 7.37
CA PHE D 64 22.83 -8.81 3.73
CA GLN D 65 19.31 -8.25 2.38
CA ASP D 66 20.61 -6.89 -0.87
CA ARG D 67 24.17 -8.10 -1.16
CA VAL D 68 24.03 -11.81 -2.00
CA THR D 69 21.86 -13.32 -4.70
CA ILE D 70 21.40 -17.08 -5.02
CA THR D 71 20.98 -19.37 -8.02
CA ARG D 72 19.75 -22.94 -7.71
CA ASP D 73 19.97 -25.67 -10.29
CA THR D 74 18.87 -29.22 -9.96
CA SER D 75 20.55 -30.35 -13.11
CA ALA D 76 23.78 -29.98 -11.15
CA SER D 77 21.81 -30.26 -7.87
CA THR D 78 23.77 -27.18 -6.89
CA ALA D 79 23.04 -23.91 -5.09
CA TYR D 80 25.29 -20.95 -5.84
CA MET D 81 25.54 -18.16 -3.28
CA GLU D 82 27.22 -15.09 -4.70
CA LEU D 83 28.18 -12.31 -2.49
CA SER D 84 28.66 -9.02 -4.41
CA SER D 85 30.63 -6.03 -3.13
CA LEU D 86 32.49 -7.85 -0.41
CA ARG D 87 34.61 -5.92 2.10
CA SER D 88 37.68 -6.40 4.27
CA GLU D 89 35.51 -7.69 7.11
CA ASP D 90 33.84 -10.24 4.85
CA THR D 91 36.75 -12.63 5.10
CA ALA D 92 35.10 -15.78 6.43
CA ILE D 93 34.18 -19.39 5.65
CA TYR D 94 30.78 -20.08 4.12
CA TYR D 95 29.10 -23.36 5.05
CA CYS D 96 26.03 -24.60 3.21
CA ALA D 97 23.65 -26.66 5.33
CA ARG D 98 20.11 -27.97 4.82
CA ASP D 99 16.85 -28.01 6.73
CA LYS D 100 14.37 -30.24 4.91
CA VAL D 101 11.39 -28.55 3.32
CA ASP D 102 7.88 -29.58 4.29
CA ASP D 103 5.83 -31.94 2.11
CA TYR D 104 4.11 -29.22 0.07
CA GLY D 105 7.39 -27.97 -1.36
CA ASP D 106 6.74 -24.60 0.26
CA TYR D 107 9.17 -23.82 3.05
CA TRP D 108 7.75 -21.60 5.80
CA PHE D 109 8.19 -23.30 9.15
CA PRO D 110 11.28 -25.50 9.33
CA THR D 111 11.74 -28.97 10.67
CA LEU D 112 12.16 -28.91 14.41
CA TRP D 113 15.77 -29.80 13.74
CA TYR D 114 17.49 -27.44 11.37
CA PHE D 115 20.96 -28.37 10.26
CA ASP D 116 21.62 -32.08 10.28
CA TYR D 117 24.61 -31.68 7.98
CA TRP D 118 27.01 -28.99 6.85
CA GLY D 119 29.00 -28.05 3.82
CA GLN D 120 32.70 -28.72 3.71
CA GLY D 121 33.49 -25.03 4.17
CA THR D 122 35.10 -22.51 1.86
CA LEU D 123 37.83 -20.15 2.98
CA VAL D 124 37.18 -16.67 1.58
CA THR D 125 39.62 -13.87 2.40
CA VAL D 126 39.63 -10.21 1.39
CA SER D 127 42.91 -8.32 0.87
CA SER E 1 20.62 -9.57 16.98
CA ALA E 2 21.50 -11.54 18.93
CA LEU E 3 21.66 -14.49 21.32
CA THR E 4 23.67 -13.85 24.46
CA GLN E 5 26.12 -16.65 25.03
CA PRO E 6 29.07 -16.47 27.43
CA ALA E 7 32.62 -16.56 26.09
CA SER E 8 34.17 -19.71 27.78
CA VAL E 9 34.33 -22.46 30.63
CA SER E 10 35.81 -25.82 32.14
CA GLY E 11 35.99 -28.65 34.89
CA SER E 12 36.96 -32.18 36.20
CA PRO E 13 35.87 -35.07 33.95
CA GLY E 14 32.40 -36.45 34.60
CA GLN E 15 31.43 -33.09 36.10
CA SER E 16 28.31 -31.26 35.01
CA ILE E 17 28.69 -28.19 32.80
CA THR E 18 26.00 -25.58 32.21
CA ILE E 19 26.06 -23.35 29.12
CA SER E 20 22.92 -21.21 29.16
CA CYS E 21 22.01 -19.11 26.12
CA THR E 22 19.72 -16.17 26.85
CA GLY E 23 17.48 -14.81 24.13
CA THR E 24 14.38 -12.62 24.03
CA SER E 25 10.68 -13.32 23.77
CA SER E 26 11.01 -12.81 20.00
CA ASP E 27 12.87 -16.10 19.60
CA VAL E 28 14.00 -18.39 22.40
CA GLY E 29 11.10 -17.75 24.76
CA GLY E 30 8.09 -17.95 22.49
CA PHE E 31 9.43 -20.90 20.50
CA ASN E 32 10.74 -24.40 21.01
CA TYR E 33 13.39 -23.61 18.41
CA VAL E 34 16.87 -24.10 19.84
CA SER E 35 20.09 -25.66 18.60
CA TRP E 36 23.49 -26.23 20.15
CA PHE E 37 26.12 -26.74 17.50
CA GLN E 38 29.32 -28.50 18.45
CA GLN E 39 31.86 -26.94 16.10
CA HIS E 40 35.24 -28.62 16.04
CA PRO E 41 37.81 -25.94 15.35
CA GLY E 42 39.15 -26.57 11.87
CA LYS E 43 36.20 -28.77 10.94
CA ALA E 44 32.57 -28.32 10.05
CA PRO E 45 29.98 -27.76 12.80
CA LYS E 46 27.43 -30.44 13.61
CA LEU E 47 24.20 -30.41 15.63
CA MET E 48 23.53 -32.38 18.76
CA LEU E 49 20.37 -30.63 19.96
CA TYR E 50 17.17 -30.87 17.93
CA ASP E 51 14.38 -29.22 19.87
CA VAL E 52 16.15 -28.71 23.18
CA THR E 53 15.50 -32.00 25.02
CA SER E 54 15.73 -34.48 22.18
CA ARG E 55 18.87 -35.54 20.35
CA PRO E 56 19.95 -36.65 16.87
CA SER E 57 20.62 -40.36 16.71
CA GLY E 58 24.41 -40.08 16.67
CA VAL E 59 24.56 -37.86 19.77
CA SER E 60 26.39 -38.90 22.89
CA SER E 61 23.46 -39.38 25.25
CA ARG E 62 25.14 -37.42 28.02
CA PHE E 63 24.15 -34.07 26.47
CA SER E 64 20.96 -32.57 27.90
CA GLY E 65 19.03 -29.48 26.87
CA SER E 66 16.60 -27.37 28.89
CA LYS E 67 14.66 -24.10 28.64
CA SER E 68 13.14 -21.64 31.11
CA GLY E 69 11.71 -18.28 30.10
CA ASN E 70 14.43 -17.01 27.82
CA THR E 71 17.17 -19.59 28.35
CA ALA E 72 18.90 -22.40 26.53
CA SER E 73 20.91 -24.70 28.78
CA LEU E 74 23.08 -27.46 27.37
CA THR E 75 24.04 -29.46 30.45
CA ILE E 76 26.66 -32.15 29.93
CA SER E 77 27.76 -34.72 32.50
CA GLY E 78 29.94 -37.82 32.55
CA LEU E 79 32.52 -35.99 30.51
CA GLN E 80 34.61 -38.01 28.13
CA ALA E 81 37.24 -35.23 28.16
CA GLU E 82 37.57 -34.72 24.40
CA ASP E 83 34.45 -32.69 24.81
CA GLU E 84 35.72 -29.37 23.45
CA ALA E 85 33.91 -28.03 20.41
CA ASP E 86 32.96 -24.32 20.32
CA TYR E 87 29.35 -24.59 21.43
CA TYR E 88 27.08 -22.15 19.58
CA CYS E 89 23.40 -21.76 20.43
CA SER E 90 21.09 -21.01 17.53
CA SER E 91 17.34 -20.54 17.20
CA HIS E 92 14.61 -19.53 14.77
CA THR E 93 13.42 -16.03 15.49
CA SER E 94 9.84 -14.94 15.04
CA ARG E 95 10.65 -12.87 11.95
CA GLY E 96 11.71 -15.98 10.06
CA THR E 97 15.48 -15.66 10.38
CA TRP E 98 17.93 -17.70 12.43
CA VAL E 99 20.48 -16.25 14.84
CA PHE E 100 23.52 -17.98 16.29
CA GLY E 101 24.64 -17.16 19.77
CA GLY E 102 27.97 -15.66 20.69
CA GLY E 103 29.23 -19.16 21.15
CA THR E 104 30.92 -20.76 24.12
CA LYS E 105 34.56 -21.65 23.99
CA LEU E 106 34.58 -24.86 25.99
CA THR E 107 37.55 -25.27 28.29
CA VAL E 108 38.68 -28.81 29.04
CA LEU E 109 41.55 -27.81 31.41
CA GLU F 1 4.91 57.31 16.09
CA VAL F 2 5.30 53.55 16.34
CA GLN F 3 8.89 53.03 17.46
CA LEU F 4 10.92 49.84 17.63
CA VAL F 5 14.50 49.91 18.94
CA GLU F 6 17.03 47.16 19.55
CA SER F 7 20.43 46.49 21.09
CA GLY F 8 23.43 46.58 18.78
CA ALA F 9 25.35 43.44 19.68
CA GLU F 10 28.93 42.63 18.65
CA VAL F 11 30.34 39.53 16.94
CA LYS F 12 29.61 36.71 19.43
CA LYS F 13 32.30 34.03 19.34
CA PRO F 14 31.20 30.76 17.69
CA GLY F 15 29.14 28.80 20.17
CA ALA F 16 28.16 31.85 22.22
CA SER F 17 24.62 33.10 22.87
CA VAL F 18 23.16 36.36 21.57
CA LYS F 19 20.41 38.16 23.46
CA VAL F 20 18.59 40.80 21.44
CA SER F 21 16.10 43.21 22.98
CA CYS F 22 13.07 44.68 21.26
CA LYS F 23 11.77 47.76 23.06
CA ALA F 24 8.34 48.64 21.67
CA SER F 25 7.60 52.35 21.69
CA GLY F 26 4.92 54.63 20.33
CA TYR F 27 1.99 52.22 20.41
CA THR F 28 0.02 50.12 22.84
CA PHE F 29 1.93 46.93 23.47
CA THR F 30 -0.97 45.38 25.39
CA SER F 31 -2.48 45.05 21.92
CA TYR F 32 0.65 43.07 21.06
CA ALA F 33 2.68 41.08 18.59
CA MET F 34 6.36 40.38 17.93
CA HIS F 35 8.45 38.65 15.29
CA TRP F 36 12.10 38.01 14.63
CA VAL F 37 13.32 38.00 11.05
CA ARG F 38 17.01 37.27 10.58
CA GLN F 39 18.91 38.92 7.79
CA ALA F 40 22.52 39.11 6.76
CA PRO F 41 23.41 40.69 3.38
CA GLY F 42 23.17 38.64 0.15
CA GLN F 43 20.70 35.73 0.62
CA ARG F 44 17.05 35.06 1.45
CA LEU F 45 15.31 36.42 4.56
CA GLU F 46 14.57 33.56 6.92
CA TRP F 47 11.74 34.01 9.38
CA MET F 48 12.67 32.54 12.73
CA GLY F 49 9.95 34.12 14.82
CA TRP F 50 7.52 33.59 17.64
CA ILE F 51 4.09 35.24 17.72
CA ASN F 52 2.15 35.84 20.96
CA ALA F 53 3.07 38.63 23.36
CA GLY F 54 -0.11 38.67 25.41
CA ASN F 55 0.05 35.16 26.79
CA GLY F 56 3.78 34.70 26.22
CA ASN F 57 3.14 31.93 23.71
CA THR F 58 5.69 31.08 21.03
CA LYS F 59 5.99 29.37 17.64
CA TYR F 60 9.38 28.83 16.05
CA SER F 61 10.51 27.89 12.59
CA GLN F 62 11.38 24.24 12.17
CA LYS F 63 14.98 25.15 11.41
CA PHE F 64 15.40 26.97 14.73
CA GLN F 65 12.77 24.84 16.49
CA ASP F 66 14.95 24.43 19.54
CA ARG F 67 17.66 27.03 19.32
CA VAL F 68 16.12 30.36 20.31
CA THR F 69 13.97 30.90 23.39
CA ILE F 70 12.04 34.13 23.92
CA THR F 71 11.17 36.13 27.04
CA ARG F 72 8.52 38.83 27.07
CA ASP F 73 8.58 41.55 29.73
CA THR F 74 5.58 43.87 29.80
CA SER F 75 7.01 46.05 32.56
CA ALA F 76 9.73 47.01 30.11
CA SER F 77 7.34 46.34 27.19
CA THR F 78 10.22 44.35 25.80
CA ALA F 79 10.65 41.02 23.99
CA TYR F 80 14.03 39.29 24.28
CA MET F 81 15.00 36.79 21.60
CA GLU F 82 18.02 34.74 22.62
CA LEU F 83 19.75 32.49 20.10
CA SER F 84 21.80 29.84 21.88
CA SER F 85 24.62 27.91 20.19
CA LEU F 86 25.10 30.27 17.28
CA ARG F 87 27.40 29.32 14.41
CA SER F 88 29.60 30.98 11.81
CA GLU F 89 26.67 31.15 9.39
CA ASP F 90 24.47 32.81 12.00
CA THR F 91 26.04 36.23 11.38
CA ALA F 92 23.03 38.35 10.45
CA ILE F 93 20.84 41.26 11.50
CA TYR F 94 17.74 40.51 13.56
CA TYR F 95 14.72 42.76 13.04
CA CYS F 96 11.74 42.65 15.37
CA ALA F 97 8.41 43.46 13.73
CA ARG F 98 4.79 43.19 14.84
CA ASP F 99 1.55 41.80 13.45
CA LYS F 100 -1.20 42.85 15.82
CA VAL F 101 -3.03 40.10 17.69
CA ASP F 102 -6.74 39.54 17.31
CA ASP F 103 -8.47 41.08 20.36
CA TYR F 104 -9.31 37.75 22.05
CA GLY F 105 -5.63 38.03 22.91
CA ASP F 106 -5.06 34.65 21.28
CA TYR F 107 -3.00 34.89 18.11
CA TRP F 108 -3.76 32.19 15.53
CA PHE F 109 -4.60 33.83 12.23
CA PRO F 110 -2.79 37.10 11.65
CA THR F 111 -4.04 40.41 10.40
CA LEU F 112 -4.24 40.42 6.64
CA TRP F 113 -1.25 42.77 6.78
CA TYR F 114 1.63 41.41 8.75
CA PHE F 115 4.52 43.75 9.35
CA ASP F 116 3.55 47.40 9.38
CA TYR F 117 6.76 48.35 11.17
CA TRP F 118 10.20 46.94 11.81
CA GLY F 119 12.86 47.01 14.45
CA GLN F 120 15.91 49.17 14.02
CA GLY F 121 18.08 46.14 13.29
CA THR F 122 20.94 44.60 15.21
CA LEU F 123 24.21 43.56 13.60
CA VAL F 124 25.29 40.17 14.95
CA THR F 125 28.51 38.63 13.64
CA VAL F 126 30.25 35.39 14.55
CA SER F 127 34.01 34.85 14.77
CA SER G 1 10.91 26.53 2.01
CA ALA G 2 10.55 28.66 0.00
CA LEU G 3 9.03 31.32 -2.23
CA THR G 4 10.54 31.51 -5.69
CA GLN G 5 11.43 35.06 -6.54
CA PRO G 6 13.72 36.09 -9.40
CA ALA G 7 17.06 37.72 -8.69
CA SER G 8 16.68 41.20 -10.50
CA VAL G 9 15.13 43.87 -13.16
CA SER G 10 15.33 47.46 -15.06
CA GLY G 11 13.78 49.94 -17.70
CA SER G 12 12.53 53.37 -18.65
CA PRO G 13 10.74 55.64 -16.14
CA GLY G 14 6.95 55.35 -16.12
CA GLN G 15 7.26 51.85 -17.58
CA SER G 16 5.43 48.98 -15.92
CA ILE G 17 7.47 46.35 -14.09
CA THR G 18 6.29 42.86 -13.18
CA ILE G 19 7.82 40.98 -10.25
CA SER G 20 6.64 37.36 -10.13
CA CYS G 21 6.54 35.50 -6.81
CA THR G 22 5.63 31.85 -7.28
CA GLY G 23 4.69 29.74 -4.27
CA THR G 24 2.88 26.45 -3.76
CA SER G 25 -0.66 25.50 -2.84
CA SER G 26 0.50 25.31 0.79
CA ASP G 27 0.83 29.09 1.02
CA VAL G 28 0.37 31.55 -1.81
CA GLY G 29 -2.34 29.67 -3.69
CA GLY G 30 -4.70 28.62 -0.93
CA PHE G 31 -4.42 31.93 0.93
CA ASN G 32 -4.64 35.60 0.11
CA TYR G 33 -1.69 36.13 2.44
CA VAL G 34 0.94 38.02 0.48
CA SER G 35 3.35 40.83 1.23
CA TRP G 36 5.87 42.76 -0.85
CA PHE G 37 8.47 44.41 1.36
CA GLN G 38 10.38 47.34 -0.05
CA GLN G 39 13.71 47.09 1.75
CA HIS G 40 15.99 50.04 1.32
CA PRO G 41 19.39 48.39 1.69
CA GLY G 42 21.05 49.32 4.96
CA LYS G 43 17.72 50.70 6.16
CA ALA G 44 14.78 48.82 7.65
CA PRO G 45 12.25 47.13 5.37
CA LYS G 46 8.71 48.44 5.11
CA LEU G 47 5.50 46.98 3.67
CA MET G 48 3.79 48.68 0.74
CA LEU G 49 1.05 46.16 -0.25
CA TYR G 50 -0.81 44.02 2.32
CA ASP G 51 -3.65 41.70 1.22
CA VAL G 52 -2.45 41.68 -2.39
CA THR G 53 -4.53 44.42 -4.02
CA SER G 54 -4.79 46.60 -0.90
CA ARG G 55 -2.10 49.03 0.21
CA PRO G 56 -1.13 50.77 3.46
CA SER G 57 -2.08 54.41 3.68
CA GLY G 58 1.40 55.77 3.06
CA VAL G 59 1.94 53.75 -0.12
CA SER G 60 2.59 55.36 -3.45
CA SER G 61 -0.63 54.47 -5.25
CA ARG G 62 1.23 53.34 -8.36
CA PHE G 63 2.03 49.92 -6.82
CA SER G 64 -0.41 47.17 -7.76
CA GLY G 65 -0.64 43.58 -6.55
CA SER G 66 -2.26 40.58 -8.23
CA LYS G 67 -2.56 36.80 -7.82
CA SER G 68 -3.28 33.85 -10.10
CA GLY G 69 -2.95 30.23 -9.02
CA ASN G 70 0.41 30.32 -7.30
CA THR G 71 1.65 33.81 -8.16
CA ALA G 72 2.31 37.13 -6.52
CA SER G 73 2.73 40.00 -8.97
CA LEU G 74 3.73 43.47 -7.83
CA THR G 75 3.20 45.60 -10.94
CA ILE G 76 4.48 49.15 -10.74
CA SER G 77 3.84 51.85 -13.30
CA GLY G 78 5.69 55.04 -14.14
CA LEU G 79 8.76 54.03 -12.14
CA GLN G 80 9.82 57.13 -10.29
CA ALA G 81 13.63 57.12 -10.14
CA GLU G 82 13.94 56.28 -6.46
CA ASP G 83 11.94 53.11 -6.48
CA GLU G 84 14.83 50.70 -6.02
CA ALA G 85 14.32 48.83 -2.78
CA ASP G 86 15.06 45.06 -2.71
CA TYR G 87 11.55 43.73 -3.18
CA TYR G 88 10.89 40.62 -1.07
CA CYS G 89 7.63 38.66 -1.31
CA SER G 90 6.40 37.09 1.90
CA SER G 91 3.33 35.08 2.83
CA HIS G 92 1.75 33.08 5.63
CA THR G 93 2.06 29.38 4.98
CA SER G 94 -0.61 26.91 6.01
CA ARG G 95 1.54 25.46 8.78
CA GLY G 96 1.49 28.77 10.61
CA THR G 97 4.92 30.09 9.64
CA TRP G 98 5.88 32.90 7.29
CA VAL G 99 8.35 32.61 4.43
CA PHE G 100 10.09 35.44 2.59
CA GLY G 101 10.81 35.06 -1.09
CA GLY G 102 14.24 35.10 -2.62
CA GLY G 103 13.80 38.77 -3.13
CA THR G 104 14.10 40.85 -6.27
CA LYS G 105 16.99 43.21 -6.72
CA LEU G 106 15.30 46.06 -8.54
CA THR G 107 17.36 47.63 -11.28
CA VAL G 108 16.45 51.16 -12.24
CA LEU G 109 19.29 51.53 -14.92
CA GLU H 1 4.30 38.78 -43.18
CA VAL H 2 5.08 35.09 -43.43
CA GLN H 3 8.57 33.62 -43.18
CA LEU H 4 9.60 29.97 -43.32
CA VAL H 5 13.28 29.14 -42.94
CA GLU H 6 15.18 25.88 -42.63
CA SER H 7 18.60 24.54 -41.75
CA GLY H 8 20.53 23.50 -44.85
CA ALA H 9 20.63 19.72 -45.26
CA GLU H 10 24.15 19.31 -46.59
CA VAL H 11 25.37 15.73 -47.10
CA LYS H 12 25.70 12.87 -44.64
CA LYS H 13 26.65 9.23 -44.96
CA PRO H 14 24.47 6.47 -46.31
CA GLY H 15 23.25 5.49 -42.84
CA ALA H 16 22.81 8.95 -41.31
CA SER H 17 19.79 10.29 -39.44
CA VAL H 18 18.88 13.74 -40.78
CA LYS H 19 17.04 16.39 -38.79
CA VAL H 20 15.65 19.42 -40.62
CA SER H 21 14.01 22.33 -38.83
CA CYS H 22 11.31 24.73 -39.99
CA LYS H 23 11.16 28.08 -38.19
CA ALA H 24 7.76 29.72 -38.47
CA SER H 25 8.10 33.50 -38.61
CA GLY H 26 5.60 36.35 -38.41
CA TYR H 27 2.45 34.38 -39.18
CA THR H 28 0.62 33.53 -35.96
CA PHE H 29 1.54 29.90 -35.50
CA THR H 30 -0.56 28.88 -32.45
CA SER H 31 -2.91 26.68 -34.40
CA TYR H 32 -0.63 26.74 -37.39
CA ALA H 33 -0.07 23.80 -39.74
CA MET H 34 2.97 22.10 -41.19
CA HIS H 35 3.87 19.84 -44.11
CA TRP H 36 7.00 18.41 -45.63
CA VAL H 37 7.39 17.83 -49.36
CA ARG H 38 10.49 16.13 -50.66
CA GLN H 39 11.85 17.14 -54.04
CA ALA H 40 14.84 15.44 -55.61
CA PRO H 41 16.53 17.37 -58.40
CA GLY H 42 13.68 18.01 -60.87
CA GLN H 43 11.62 15.72 -58.65
CA ARG H 44 8.02 14.67 -59.11
CA LEU H 45 7.32 16.16 -55.72
CA GLU H 46 6.54 13.48 -53.19
CA TRP H 47 4.58 14.32 -50.07
CA MET H 48 6.16 12.92 -46.95
CA GLY H 49 4.20 14.98 -44.49
CA TRP H 50 2.92 15.18 -41.04
CA ILE H 51 -0.30 17.02 -40.42
CA ASN H 52 0.94 18.91 -37.28
CA ALA H 53 -0.74 21.64 -35.40
CA GLY H 54 -0.73 22.59 -31.76
CA ASN H 55 -1.68 19.14 -30.51
CA GLY H 56 1.32 17.55 -32.12
CA ASN H 57 -0.49 14.93 -34.17
CA THR H 58 1.01 13.39 -37.29
CA LYS H 59 -0.01 11.18 -40.18
CA TYR H 60 2.70 9.79 -42.42
CA SER H 61 2.75 9.01 -46.12
CA GLN H 62 2.70 5.23 -46.52
CA LYS H 63 6.30 5.73 -47.64
CA PHE H 64 7.42 7.10 -44.27
CA GLN H 65 4.99 5.33 -41.93
CA ASP H 66 7.97 4.55 -39.71
CA ARG H 67 10.82 6.32 -41.51
CA VAL H 68 10.65 9.85 -40.07
CA THR H 69 8.97 12.12 -37.48
CA ILE H 70 8.46 15.86 -36.81
CA THR H 71 7.95 17.01 -33.19
CA ARG H 72 6.49 20.42 -32.40
CA ASP H 73 8.04 23.19 -30.33
CA THR H 74 5.82 26.23 -29.86
CA SER H 75 8.53 28.00 -27.99
CA ALA H 76 9.10 29.16 -31.62
CA SER H 77 6.52 26.95 -33.42
CA THR H 78 9.46 25.16 -35.00
CA ALA H 79 8.74 21.79 -36.57
CA TYR H 80 11.52 19.20 -36.63
CA MET H 81 11.38 16.56 -39.35
CA GLU H 82 13.81 13.74 -38.66
CA LEU H 83 14.39 11.05 -41.23
CA SER H 84 16.36 8.17 -39.72
CA SER H 85 19.06 6.93 -42.13
CA LEU H 86 19.82 9.37 -44.94
CA ARG H 87 20.10 7.03 -47.92
CA SER H 88 21.86 8.02 -51.13
CA GLU H 89 19.03 9.59 -53.16
CA ASP H 90 17.56 11.32 -50.11
CA THR H 91 19.63 13.98 -51.85
CA ALA H 92 16.80 16.19 -53.10
CA ILE H 93 15.24 19.06 -51.16
CA TYR H 94 12.83 19.14 -48.20
CA TYR H 95 10.45 22.09 -48.16
CA CYS H 96 8.22 22.87 -45.20
CA ALA H 97 4.85 24.36 -46.11
CA ARG H 98 1.69 25.06 -44.17
CA ASP H 99 -1.99 24.32 -44.67
CA LYS H 100 -3.28 26.33 -41.69
CA VAL H 101 -5.54 24.29 -39.47
CA ASP H 102 -9.25 24.09 -38.73
CA ASP H 103 -11.02 26.28 -36.16
CA TYR H 104 -11.38 23.47 -33.63
CA GLY H 105 -7.63 22.91 -33.53
CA ASP H 106 -8.24 19.37 -34.78
CA TYR H 107 -7.07 18.84 -38.33
CA TRP H 108 -9.03 16.53 -40.60
CA PHE H 109 -10.13 18.16 -43.76
CA PRO H 110 -7.55 20.55 -45.13
CA THR H 111 -8.30 23.98 -46.52
CA LEU H 112 -9.14 24.39 -50.19
CA TRP H 113 -5.75 25.92 -50.73
CA TYR H 114 -2.94 23.80 -49.38
CA PHE H 115 0.36 25.58 -49.19
CA ASP H 116 0.21 29.37 -49.11
CA TYR H 117 3.90 29.68 -48.22
CA TRP H 118 6.94 27.46 -48.33
CA GLY H 119 10.23 26.96 -46.58
CA GLN H 120 13.37 28.12 -48.21
CA GLY H 121 14.26 24.51 -48.93
CA THR H 122 17.05 22.29 -47.67
CA LEU H 123 19.36 20.21 -49.84
CA VAL H 124 20.42 17.09 -47.93
CA THR H 125 22.76 14.70 -49.70
CA VAL H 126 23.42 11.00 -49.17
CA SER H 127 27.27 10.01 -49.86
CA SER I 1 0.88 6.45 -56.34
CA ALA I 2 1.87 9.52 -58.33
CA LEU I 3 -0.72 11.18 -60.50
CA THR I 4 0.30 11.77 -64.48
CA GLN I 5 0.62 15.42 -65.47
CA PRO I 6 2.47 16.14 -68.72
CA ALA I 7 6.22 16.75 -68.76
CA SER I 8 6.60 20.00 -70.69
CA VAL I 9 4.25 21.89 -73.01
CA SER I 10 5.40 24.52 -75.49
CA GLY I 11 3.37 27.41 -76.84
CA SER I 12 3.91 30.88 -78.19
CA PRO I 13 3.06 34.04 -76.24
CA GLY I 14 -0.69 34.49 -76.35
CA GLN I 15 -1.58 30.99 -77.46
CA SER I 16 -3.35 28.88 -74.83
CA ILE I 17 -1.63 25.89 -73.24
CA THR I 18 -3.39 22.99 -71.52
CA ILE I 19 -1.79 20.72 -68.92
CA SER I 20 -3.64 17.49 -68.12
CA CYS I 21 -3.46 15.77 -64.74
CA THR I 22 -4.93 12.27 -64.82
CA GLY I 23 -5.76 10.66 -61.50
CA THR I 24 -8.00 7.84 -60.35
CA SER I 25 -11.40 7.68 -58.71
CA SER I 26 -9.75 7.53 -55.29
CA ASP I 27 -8.34 11.05 -55.49
CA VAL I 28 -8.96 13.42 -58.39
CA GLY I 29 -12.34 12.21 -59.57
CA GLY I 30 -13.97 11.47 -56.25
CA PHE I 31 -13.06 14.85 -54.78
CA ASN I 32 -12.82 18.51 -55.59
CA TYR I 33 -9.26 18.59 -54.30
CA VAL I 34 -6.84 19.75 -56.99
CA SER I 35 -4.07 22.28 -56.81
CA TRP I 36 -1.43 23.40 -59.29
CA PHE I 37 1.98 24.41 -58.00
CA GLN I 38 4.12 26.75 -60.08
CA GLN I 39 7.75 25.88 -59.32
CA HIS I 40 10.38 28.19 -60.74
CA PRO I 41 13.72 26.41 -61.16
CA GLY I 42 14.65 28.41 -58.07
CA LYS I 43 11.83 29.48 -55.78
CA ALA I 44 9.91 26.91 -53.74
CA PRO I 45 6.77 25.45 -55.33
CA LYS I 46 4.20 28.13 -54.56
CA LEU I 47 0.44 27.64 -54.52
CA MET I 48 -1.26 28.95 -57.63
CA LEU I 49 -4.60 27.16 -58.01
CA TYR I 50 -6.28 25.11 -55.29
CA ASP I 51 -9.71 23.63 -55.83
CA VAL I 52 -9.35 23.65 -59.63
CA THR I 53 -10.22 27.32 -60.23
CA SER I 54 -10.06 30.06 -57.52
CA ARG I 55 -7.04 32.36 -57.78
CA PRO I 56 -5.55 33.01 -54.32
CA SER I 57 -4.86 36.75 -54.39
CA GLY I 58 -2.28 36.67 -57.13
CA VAL I 59 -4.93 36.25 -59.78
CA SER I 60 -3.04 37.14 -62.96
CA SER I 61 -6.09 36.03 -64.92
CA ARG I 62 -4.44 33.71 -67.40
CA PHE I 63 -4.81 30.62 -65.30
CA SER I 64 -7.91 28.41 -65.26
CA GLY I 65 -8.54 24.95 -63.88
CA SER I 66 -11.07 22.35 -64.95
CA LYS I 67 -12.13 18.78 -64.20
CA SER I 68 -13.98 16.11 -66.16
CA GLY I 69 -13.83 12.82 -64.20
CA ASN I 70 -10.28 12.21 -63.02
CA THR I 71 -8.86 14.97 -65.15
CA ALA I 72 -7.28 18.18 -64.04
CA SER I 73 -6.83 20.71 -66.82
CA LEU I 74 -4.84 23.83 -66.04
CA THR I 75 -5.41 25.95 -69.13
CA ILE I 76 -3.07 28.93 -69.35
CA SER I 77 -3.85 31.57 -71.95
CA GLY I 78 -1.76 34.53 -72.97
CA LEU I 79 1.64 33.07 -72.13
CA GLN I 80 2.85 35.19 -69.21
CA ALA I 81 6.24 36.12 -70.68
CA GLU I 82 8.55 33.77 -68.79
CA ASP I 83 5.72 32.03 -66.95
CA GLU I 84 8.00 29.04 -67.48
CA ALA I 85 8.12 26.85 -64.38
CA ASP I 86 7.46 23.26 -63.49
CA TYR I 87 3.75 22.73 -62.83
CA TYR I 88 2.69 20.06 -60.36
CA CYS I 89 -0.89 18.94 -59.84
CA SER I 90 -1.84 17.83 -56.35
CA SER I 91 -4.76 15.96 -54.86
CA HIS I 92 -5.98 14.72 -51.52
CA THR I 93 -6.56 11.01 -51.81
CA SER I 94 -9.28 9.64 -49.59
CA ARG I 95 -6.84 7.45 -47.68
CA GLY I 96 -5.87 10.81 -46.21
CA THR I 97 -2.55 11.36 -47.98
CA TRP I 98 -1.55 13.85 -50.64
CA VAL I 99 -0.07 12.87 -53.98
CA PHE I 100 1.63 15.07 -56.57
CA GLY I 101 1.76 14.49 -60.32
CA GLY I 102 5.02 13.83 -62.09
CA GLY I 103 5.13 17.49 -62.99
CA THR I 104 4.95 19.30 -66.30
CA LYS I 105 8.03 21.00 -67.62
CA LEU I 106 6.71 24.05 -69.43
CA THR I 107 8.69 25.75 -72.19
CA VAL I 108 7.68 29.10 -73.67
CA LEU I 109 10.30 28.27 -76.72
#